data_1QZQ
#
_entry.id   1QZQ
#
_cell.length_a   50.024
_cell.length_b   105.131
_cell.length_c   194.153
_cell.angle_alpha   90.00
_cell.angle_beta   90.00
_cell.angle_gamma   90.00
#
_symmetry.space_group_name_H-M   'P 21 21 21'
#
loop_
_entity.id
_entity.type
_entity.pdbx_description
1 polymer 'tyrosyl-DNA phosphodiesterase 1'
2 water water
#
_entity_poly.entity_id   1
_entity_poly.type   'polypeptide(L)'
_entity_poly.pdbx_seq_one_letter_code
;MEEYMPTEHHHHHHENLYFQGTSGEGQDIWDMLDKGNPFQFYLTRVSGVKPKYNSGALHIKDILSPLFGTLVSSAQFNYC
FDVDWLVKQYPPEFRKKPILLVHGDKREAKAHLHAQAKPYENISLCQAKLDIAFGTHHTKMMLLLYEEGLRVVIHTSNLI
HADWHQKTQGIWLSPLYPRIADGTHKSGESPTHFKADLISYLMAYNAPSLKEWIDVIHKHDLSETNVYLIGSTPGRFQGS
QKDNWGHFRLKKLLKDHASSMPNAESWPVVGQFSSVGSLGADESKWLCSEFKESMLTLGKESKTPGKSSVPLYLIYPSVE
NVRTSLEGYPAGGSLPYSIQTAEKQNWLHSYFHKWSAETSGRSNAMPHIKTYMRPSPDFSKIAWFLVTSANLSKAAWGAL
EKNGTQLMIRSYELGVLFLPSAFGLDSFKVKQKFFAGSQEPMATFPVPYDLPPELYGSKDRPWIWNIPYVKAPDTHGNMW
VPS
;
_entity_poly.pdbx_strand_id   A,B
#
# COMPACT_ATOMS: atom_id res chain seq x y z
N GLY A 36 -17.29 19.70 23.60
CA GLY A 36 -16.69 20.69 24.56
C GLY A 36 -15.36 21.25 24.07
N ASN A 37 -15.33 21.69 22.81
CA ASN A 37 -14.12 22.23 22.22
C ASN A 37 -14.26 23.67 21.78
N PRO A 38 -13.96 24.63 22.67
CA PRO A 38 -14.05 26.04 22.29
C PRO A 38 -12.93 26.41 21.29
N PHE A 39 -11.99 25.47 21.10
CA PHE A 39 -10.88 25.69 20.18
C PHE A 39 -11.21 25.31 18.73
N GLN A 40 -12.13 24.35 18.55
CA GLN A 40 -12.55 23.89 17.22
C GLN A 40 -11.36 23.45 16.38
N PHE A 41 -10.43 22.79 17.06
CA PHE A 41 -9.24 22.28 16.42
C PHE A 41 -9.39 20.76 16.27
N TYR A 42 -9.29 20.28 15.05
CA TYR A 42 -9.44 18.86 14.77
C TYR A 42 -8.30 18.32 13.92
N LEU A 43 -8.20 17.00 13.93
CA LEU A 43 -7.26 16.26 13.12
C LEU A 43 -8.15 15.57 12.10
N THR A 44 -7.60 15.18 10.96
CA THR A 44 -8.39 14.51 9.95
C THR A 44 -8.47 13.03 10.35
N ARG A 45 -9.45 12.33 9.83
CA ARG A 45 -9.61 10.91 10.12
C ARG A 45 -8.42 10.13 9.54
N VAL A 46 -7.99 9.10 10.26
CA VAL A 46 -6.91 8.26 9.79
C VAL A 46 -7.41 6.81 9.65
N SER A 47 -7.27 6.31 8.43
CA SER A 47 -7.71 4.96 8.13
C SER A 47 -6.71 3.95 8.69
N GLY A 48 -7.16 3.16 9.65
CA GLY A 48 -6.26 2.18 10.26
C GLY A 48 -6.10 2.34 11.78
N VAL A 49 -6.35 3.53 12.31
CA VAL A 49 -6.21 3.68 13.76
C VAL A 49 -7.48 3.18 14.44
N LYS A 50 -7.38 2.90 15.73
CA LYS A 50 -8.50 2.43 16.52
C LYS A 50 -9.62 3.46 16.44
N PRO A 51 -10.87 3.01 16.32
CA PRO A 51 -12.02 3.92 16.23
C PRO A 51 -12.08 5.04 17.27
N LYS A 52 -11.52 4.82 18.45
CA LYS A 52 -11.56 5.90 19.41
C LYS A 52 -10.65 7.07 19.03
N TYR A 53 -9.75 6.87 18.07
CA TYR A 53 -8.84 7.93 17.65
C TYR A 53 -9.39 8.71 16.47
N ASN A 54 -10.54 8.26 15.98
CA ASN A 54 -11.22 8.93 14.87
C ASN A 54 -12.53 9.55 15.35
N SER A 55 -12.96 9.18 16.56
CA SER A 55 -14.18 9.75 17.11
C SER A 55 -13.74 11.17 17.49
N GLY A 56 -14.14 12.15 16.71
CA GLY A 56 -13.69 13.49 17.01
C GLY A 56 -12.76 14.00 15.93
N ALA A 57 -12.54 13.17 14.91
CA ALA A 57 -11.69 13.56 13.79
C ALA A 57 -12.63 13.85 12.62
N LEU A 58 -12.15 14.60 11.65
CA LEU A 58 -12.98 14.95 10.51
C LEU A 58 -12.41 14.56 9.18
N HIS A 59 -13.29 14.10 8.29
CA HIS A 59 -12.87 13.77 6.94
C HIS A 59 -13.44 14.92 6.09
N ILE A 60 -12.87 15.17 4.92
CA ILE A 60 -13.37 16.26 4.10
C ILE A 60 -14.88 16.06 3.80
N LYS A 61 -15.32 14.82 3.59
CA LYS A 61 -16.75 14.57 3.36
C LYS A 61 -17.58 15.07 4.57
N ASP A 62 -17.02 14.96 5.76
CA ASP A 62 -17.75 15.43 6.94
C ASP A 62 -17.85 16.95 6.91
N ILE A 63 -16.75 17.60 6.55
CA ILE A 63 -16.69 19.06 6.48
C ILE A 63 -17.66 19.64 5.44
N LEU A 64 -17.84 18.96 4.32
CA LEU A 64 -18.73 19.43 3.27
C LEU A 64 -20.19 18.94 3.37
N SER A 65 -20.47 18.08 4.35
CA SER A 65 -21.83 17.54 4.48
C SER A 65 -22.90 18.55 4.86
N PRO A 66 -24.14 18.32 4.40
CA PRO A 66 -25.33 19.15 4.63
C PRO A 66 -25.47 19.52 6.10
N LEU A 67 -24.92 18.68 6.98
CA LEU A 67 -25.01 18.94 8.40
C LEU A 67 -24.36 20.26 8.80
N PHE A 68 -23.31 20.67 8.11
CA PHE A 68 -22.62 21.91 8.42
C PHE A 68 -23.23 23.11 7.73
N GLY A 69 -24.23 22.88 6.88
CA GLY A 69 -24.86 23.98 6.18
C GLY A 69 -25.25 23.65 4.76
N THR A 70 -26.19 24.42 4.20
CA THR A 70 -26.66 24.21 2.84
C THR A 70 -25.76 25.01 1.90
N LEU A 71 -24.81 24.32 1.31
CA LEU A 71 -23.84 24.94 0.42
C LEU A 71 -24.45 25.72 -0.75
N VAL A 72 -23.93 26.91 -1.00
CA VAL A 72 -24.39 27.74 -2.11
C VAL A 72 -23.18 27.85 -3.06
N SER A 73 -21.99 27.98 -2.49
CA SER A 73 -20.77 28.06 -3.27
C SER A 73 -19.57 28.02 -2.34
N SER A 74 -18.42 27.66 -2.89
CA SER A 74 -17.22 27.55 -2.08
C SER A 74 -15.97 27.93 -2.84
N ALA A 75 -14.92 28.22 -2.09
CA ALA A 75 -13.62 28.53 -2.63
C ALA A 75 -12.67 27.52 -1.97
N GLN A 76 -11.83 26.89 -2.78
CA GLN A 76 -10.85 25.93 -2.26
C GLN A 76 -9.46 26.48 -2.53
N PHE A 77 -8.78 26.94 -1.48
CA PHE A 77 -7.43 27.46 -1.59
C PHE A 77 -6.52 26.27 -1.28
N ASN A 78 -5.60 25.97 -2.19
CA ASN A 78 -4.70 24.87 -1.95
C ASN A 78 -3.45 24.90 -2.82
N TYR A 79 -2.61 23.90 -2.63
CA TYR A 79 -1.39 23.75 -3.37
C TYR A 79 -1.56 22.66 -4.41
N CYS A 80 -2.01 21.49 -4.00
CA CYS A 80 -2.19 20.39 -4.94
C CYS A 80 -3.65 19.97 -5.03
N PHE A 81 -4.10 19.72 -6.25
CA PHE A 81 -5.49 19.34 -6.50
C PHE A 81 -5.69 18.11 -7.39
N ASP A 82 -6.68 17.32 -7.02
CA ASP A 82 -7.10 16.17 -7.82
C ASP A 82 -8.58 16.50 -7.92
N VAL A 83 -8.96 17.15 -9.02
CA VAL A 83 -10.35 17.59 -9.20
C VAL A 83 -11.44 16.53 -9.19
N ASP A 84 -11.25 15.41 -9.89
CA ASP A 84 -12.26 14.35 -9.91
C ASP A 84 -12.47 13.89 -8.49
N TRP A 85 -11.38 13.67 -7.76
CA TRP A 85 -11.50 13.23 -6.39
C TRP A 85 -12.25 14.32 -5.59
N LEU A 86 -11.79 15.57 -5.68
CA LEU A 86 -12.41 16.64 -4.90
C LEU A 86 -13.91 16.82 -5.12
N VAL A 87 -14.35 16.81 -6.38
CA VAL A 87 -15.75 16.98 -6.66
C VAL A 87 -16.57 15.87 -5.97
N LYS A 88 -16.01 14.65 -5.93
CA LYS A 88 -16.70 13.54 -5.29
C LYS A 88 -16.78 13.66 -3.76
N GLN A 89 -16.00 14.57 -3.15
CA GLN A 89 -16.05 14.73 -1.69
C GLN A 89 -17.22 15.61 -1.26
N TYR A 90 -17.78 16.37 -2.20
CA TYR A 90 -18.92 17.22 -1.90
C TYR A 90 -20.16 16.33 -1.93
N PRO A 91 -21.21 16.72 -1.19
CA PRO A 91 -22.40 15.84 -1.23
C PRO A 91 -23.03 15.95 -2.63
N PRO A 92 -23.59 14.83 -3.14
CA PRO A 92 -24.23 14.75 -4.47
C PRO A 92 -25.06 15.98 -4.82
N GLU A 93 -25.94 16.38 -3.90
CA GLU A 93 -26.81 17.51 -4.13
C GLU A 93 -26.07 18.83 -4.19
N PHE A 94 -24.81 18.84 -3.75
CA PHE A 94 -24.04 20.09 -3.78
C PHE A 94 -22.93 20.09 -4.82
N ARG A 95 -22.79 19.04 -5.62
CA ARG A 95 -21.72 18.98 -6.63
C ARG A 95 -21.76 19.92 -7.83
N LYS A 96 -22.86 20.63 -8.05
CA LYS A 96 -22.92 21.53 -9.19
C LYS A 96 -22.89 22.96 -8.75
N LYS A 97 -22.76 23.18 -7.45
CA LYS A 97 -22.70 24.55 -6.95
C LYS A 97 -21.33 25.07 -7.39
N PRO A 98 -21.23 26.37 -7.62
CA PRO A 98 -19.96 26.98 -8.02
C PRO A 98 -18.82 26.67 -7.03
N ILE A 99 -17.63 26.47 -7.59
CA ILE A 99 -16.43 26.16 -6.84
C ILE A 99 -15.27 26.93 -7.47
N LEU A 100 -14.50 27.63 -6.64
CA LEU A 100 -13.34 28.36 -7.14
C LEU A 100 -12.10 27.68 -6.55
N LEU A 101 -11.22 27.29 -7.45
CA LEU A 101 -9.97 26.69 -7.05
C LEU A 101 -8.94 27.83 -7.10
N VAL A 102 -8.33 28.14 -5.97
CA VAL A 102 -7.31 29.19 -5.90
C VAL A 102 -6.01 28.42 -5.78
N HIS A 103 -5.15 28.59 -6.78
CA HIS A 103 -3.88 27.87 -6.83
C HIS A 103 -2.76 28.78 -7.31
N GLY A 104 -1.56 28.22 -7.34
CA GLY A 104 -0.41 28.98 -7.80
C GLY A 104 0.35 28.36 -8.97
N ASP A 105 -0.22 27.35 -9.63
CA ASP A 105 0.45 26.70 -10.76
C ASP A 105 0.67 27.58 -11.99
N LYS A 106 1.82 27.36 -12.64
CA LYS A 106 2.17 28.10 -13.84
C LYS A 106 2.46 27.16 -14.99
N ARG A 107 2.46 27.72 -16.20
CA ARG A 107 2.77 26.96 -17.41
C ARG A 107 2.08 25.61 -17.61
N GLU A 108 2.87 24.55 -17.75
CA GLU A 108 2.31 23.21 -17.95
C GLU A 108 1.44 22.77 -16.78
N ALA A 109 1.96 22.94 -15.57
CA ALA A 109 1.20 22.56 -14.38
C ALA A 109 -0.15 23.24 -14.41
N LYS A 110 -0.16 24.51 -14.78
CA LYS A 110 -1.40 25.28 -14.87
C LYS A 110 -2.35 24.68 -15.91
N ALA A 111 -1.82 24.28 -17.05
CA ALA A 111 -2.61 23.67 -18.13
C ALA A 111 -3.21 22.34 -17.67
N HIS A 112 -2.42 21.56 -16.93
CA HIS A 112 -2.89 20.26 -16.42
C HIS A 112 -4.09 20.51 -15.53
N LEU A 113 -3.99 21.50 -14.65
CA LEU A 113 -5.10 21.80 -13.75
C LEU A 113 -6.32 22.23 -14.57
N HIS A 114 -6.14 23.12 -15.54
CA HIS A 114 -7.29 23.54 -16.34
C HIS A 114 -7.96 22.34 -17.02
N ALA A 115 -7.15 21.38 -17.47
CA ALA A 115 -7.68 20.19 -18.13
C ALA A 115 -8.49 19.33 -17.14
N GLN A 116 -8.00 19.24 -15.90
CA GLN A 116 -8.68 18.47 -14.86
C GLN A 116 -10.08 19.01 -14.57
N ALA A 117 -10.20 20.33 -14.52
CA ALA A 117 -11.46 20.99 -14.23
C ALA A 117 -12.39 21.15 -15.44
N LYS A 118 -11.82 21.20 -16.63
CA LYS A 118 -12.57 21.35 -17.88
C LYS A 118 -13.94 20.62 -17.91
N PRO A 119 -13.99 19.34 -17.50
CA PRO A 119 -15.24 18.56 -17.50
C PRO A 119 -16.35 19.13 -16.59
N TYR A 120 -15.97 19.94 -15.61
CA TYR A 120 -16.95 20.50 -14.66
C TYR A 120 -17.27 21.97 -14.93
N GLU A 121 -18.47 22.23 -15.42
CA GLU A 121 -18.89 23.60 -15.74
C GLU A 121 -18.94 24.56 -14.57
N ASN A 122 -19.24 24.07 -13.38
CA ASN A 122 -19.34 24.92 -12.21
C ASN A 122 -18.01 25.30 -11.54
N ILE A 123 -16.90 24.87 -12.11
CA ILE A 123 -15.61 25.16 -11.52
C ILE A 123 -14.83 26.28 -12.21
N SER A 124 -14.39 27.25 -11.41
CA SER A 124 -13.58 28.36 -11.93
C SER A 124 -12.21 28.25 -11.28
N LEU A 125 -11.21 28.85 -11.89
CA LEU A 125 -9.85 28.81 -11.35
C LEU A 125 -9.28 30.20 -11.14
N CYS A 126 -8.50 30.37 -10.09
CA CYS A 126 -7.86 31.65 -9.83
C CYS A 126 -6.38 31.35 -9.65
N GLN A 127 -5.55 31.88 -10.54
CA GLN A 127 -4.11 31.65 -10.42
C GLN A 127 -3.49 32.73 -9.56
N ALA A 128 -3.11 32.38 -8.34
CA ALA A 128 -2.51 33.36 -7.45
C ALA A 128 -1.14 33.79 -8.03
N LYS A 129 -0.91 35.09 -8.10
CA LYS A 129 0.36 35.57 -8.63
C LYS A 129 1.52 35.25 -7.69
N LEU A 130 2.62 34.77 -8.26
CA LEU A 130 3.82 34.44 -7.49
C LEU A 130 4.97 35.15 -8.22
N ASP A 131 5.10 36.45 -7.99
CA ASP A 131 6.09 37.27 -8.66
C ASP A 131 7.51 37.20 -8.13
N ILE A 132 7.70 36.45 -7.07
CA ILE A 132 9.03 36.28 -6.50
C ILE A 132 9.45 34.85 -6.77
N ALA A 133 10.69 34.68 -7.21
CA ALA A 133 11.20 33.36 -7.55
C ALA A 133 11.14 32.32 -6.44
N PHE A 134 10.80 31.10 -6.84
CA PHE A 134 10.73 29.96 -5.93
C PHE A 134 9.64 30.05 -4.85
N GLY A 135 8.57 30.78 -5.15
CA GLY A 135 7.49 30.87 -4.19
C GLY A 135 6.41 29.87 -4.54
N THR A 136 5.51 29.61 -3.61
CA THR A 136 4.42 28.68 -3.86
C THR A 136 3.15 29.16 -3.16
N HIS A 137 2.01 28.71 -3.66
CA HIS A 137 0.76 29.04 -3.02
C HIS A 137 0.48 27.83 -2.13
N HIS A 138 0.95 27.91 -0.89
CA HIS A 138 0.80 26.80 0.03
C HIS A 138 -0.42 26.86 0.97
N THR A 139 -1.05 28.02 1.05
CA THR A 139 -2.23 28.22 1.89
C THR A 139 -3.33 27.17 1.63
N LYS A 140 -3.90 26.66 2.71
CA LYS A 140 -4.96 25.67 2.60
C LYS A 140 -6.18 26.16 3.38
N MET A 141 -7.20 26.57 2.62
CA MET A 141 -8.40 27.14 3.20
C MET A 141 -9.63 26.89 2.36
N MET A 142 -10.77 26.77 3.04
CA MET A 142 -12.02 26.57 2.34
C MET A 142 -12.93 27.67 2.82
N LEU A 143 -13.55 28.37 1.86
CA LEU A 143 -14.54 29.39 2.17
C LEU A 143 -15.84 28.68 1.75
N LEU A 144 -16.77 28.55 2.70
CA LEU A 144 -18.03 27.87 2.42
C LEU A 144 -19.20 28.81 2.66
N LEU A 145 -19.91 29.15 1.59
CA LEU A 145 -21.06 30.04 1.69
C LEU A 145 -22.33 29.18 1.70
N TYR A 146 -23.14 29.33 2.73
CA TYR A 146 -24.37 28.57 2.81
C TYR A 146 -25.53 29.54 2.80
N GLU A 147 -26.73 28.98 2.91
CA GLU A 147 -27.94 29.78 2.98
C GLU A 147 -28.02 30.33 4.40
N GLU A 148 -27.57 29.51 5.37
CA GLU A 148 -27.60 29.89 6.79
C GLU A 148 -26.44 30.80 7.26
N GLY A 149 -25.44 30.98 6.42
CA GLY A 149 -24.33 31.81 6.80
C GLY A 149 -23.03 31.50 6.07
N LEU A 150 -21.92 31.75 6.76
CA LEU A 150 -20.60 31.54 6.20
C LEU A 150 -19.68 30.78 7.15
N ARG A 151 -18.89 29.88 6.59
CA ARG A 151 -17.90 29.15 7.39
C ARG A 151 -16.55 29.26 6.72
N VAL A 152 -15.52 29.40 7.54
CA VAL A 152 -14.13 29.47 7.06
C VAL A 152 -13.39 28.24 7.60
N VAL A 153 -12.65 27.56 6.74
CA VAL A 153 -11.92 26.38 7.19
C VAL A 153 -10.44 26.53 6.82
N ILE A 154 -9.58 26.59 7.83
CA ILE A 154 -8.14 26.73 7.57
C ILE A 154 -7.53 25.41 8.06
N HIS A 155 -6.87 24.72 7.14
CA HIS A 155 -6.31 23.41 7.43
C HIS A 155 -4.94 23.18 6.79
N THR A 156 -4.48 21.93 6.82
CA THR A 156 -3.16 21.62 6.31
C THR A 156 -3.09 20.63 5.15
N SER A 157 -4.23 20.04 4.77
CA SER A 157 -4.23 19.03 3.70
C SER A 157 -4.37 19.49 2.25
N ASN A 158 -3.66 18.81 1.36
CA ASN A 158 -3.75 19.06 -0.09
C ASN A 158 -5.06 18.42 -0.51
N LEU A 159 -5.66 18.88 -1.61
CA LEU A 159 -6.89 18.26 -2.03
C LEU A 159 -6.66 17.03 -2.90
N ILE A 160 -6.08 16.00 -2.29
CA ILE A 160 -5.82 14.71 -2.95
C ILE A 160 -6.08 13.62 -1.94
N HIS A 161 -6.51 12.47 -2.43
CA HIS A 161 -6.85 11.35 -1.57
C HIS A 161 -5.85 10.97 -0.49
N ALA A 162 -4.59 10.88 -0.86
CA ALA A 162 -3.56 10.47 0.10
C ALA A 162 -3.41 11.40 1.30
N ASP A 163 -3.66 12.70 1.11
CA ASP A 163 -3.49 13.62 2.23
C ASP A 163 -4.55 13.48 3.32
N TRP A 164 -5.63 12.77 3.01
CA TRP A 164 -6.72 12.60 3.97
C TRP A 164 -6.87 11.13 4.33
N HIS A 165 -5.94 10.31 3.88
CA HIS A 165 -6.03 8.88 4.14
C HIS A 165 -5.33 8.42 5.38
N GLN A 166 -4.00 8.47 5.40
CA GLN A 166 -3.27 8.06 6.59
C GLN A 166 -2.23 9.04 7.13
N LYS A 167 -2.52 10.33 7.07
CA LYS A 167 -1.58 11.35 7.57
C LYS A 167 -2.14 12.12 8.77
N THR A 168 -1.25 12.69 9.59
CA THR A 168 -1.72 13.51 10.69
C THR A 168 -1.81 14.90 10.06
N GLN A 169 -3.04 15.44 9.99
CA GLN A 169 -3.32 16.75 9.40
C GLN A 169 -4.13 17.54 10.42
N GLY A 170 -4.07 18.87 10.35
CA GLY A 170 -4.83 19.70 11.28
C GLY A 170 -5.94 20.50 10.63
N ILE A 171 -6.99 20.77 11.39
CA ILE A 171 -8.13 21.54 10.88
C ILE A 171 -8.64 22.56 11.89
N TRP A 172 -8.94 23.77 11.44
CA TRP A 172 -9.54 24.75 12.31
C TRP A 172 -10.88 25.05 11.67
N LEU A 173 -11.96 24.87 12.43
CA LEU A 173 -13.33 25.11 11.94
C LEU A 173 -13.86 26.41 12.50
N SER A 174 -14.21 27.36 11.64
CA SER A 174 -14.75 28.60 12.14
C SER A 174 -16.19 28.36 12.57
N PRO A 175 -16.73 29.25 13.39
CA PRO A 175 -18.12 29.03 13.76
C PRO A 175 -18.97 29.39 12.53
N LEU A 176 -20.26 29.14 12.59
CA LEU A 176 -21.14 29.50 11.49
C LEU A 176 -21.36 31.01 11.65
N TYR A 177 -20.88 31.79 10.70
CA TYR A 177 -21.05 33.23 10.76
C TYR A 177 -22.35 33.65 10.09
N PRO A 178 -23.25 34.30 10.85
CA PRO A 178 -24.53 34.73 10.29
C PRO A 178 -24.41 35.96 9.39
N ARG A 179 -25.37 36.11 8.49
CA ARG A 179 -25.42 37.26 7.61
C ARG A 179 -25.82 38.47 8.46
N ILE A 180 -25.23 39.62 8.20
CA ILE A 180 -25.61 40.82 8.94
C ILE A 180 -26.86 41.35 8.22
N ALA A 181 -27.84 41.83 8.98
CA ALA A 181 -29.06 42.34 8.38
C ALA A 181 -28.76 43.50 7.43
N ASP A 182 -29.11 43.35 6.15
CA ASP A 182 -28.85 44.39 5.15
C ASP A 182 -29.05 45.82 5.66
N GLY A 183 -30.19 46.07 6.28
CA GLY A 183 -30.45 47.39 6.81
C GLY A 183 -29.53 47.78 7.96
N THR A 184 -28.94 46.79 8.61
CA THR A 184 -28.05 47.03 9.74
C THR A 184 -26.65 47.52 9.36
N HIS A 185 -26.02 48.21 10.30
CA HIS A 185 -24.66 48.72 10.15
C HIS A 185 -23.83 48.36 11.39
N LYS A 186 -23.16 47.21 11.30
CA LYS A 186 -22.29 46.69 12.34
C LYS A 186 -20.98 46.29 11.68
N SER A 187 -19.91 46.26 12.46
CA SER A 187 -18.62 45.88 11.91
C SER A 187 -18.55 44.37 11.64
N GLY A 188 -19.11 43.58 12.55
CA GLY A 188 -19.03 42.13 12.41
C GLY A 188 -17.60 41.68 12.74
N GLU A 189 -16.88 42.53 13.46
CA GLU A 189 -15.49 42.28 13.80
C GLU A 189 -15.34 41.56 15.15
N SER A 190 -14.26 40.82 15.32
CA SER A 190 -14.02 40.11 16.58
C SER A 190 -12.87 40.80 17.30
N PRO A 191 -12.69 40.52 18.59
CA PRO A 191 -11.59 41.14 19.34
C PRO A 191 -10.25 40.80 18.71
N THR A 192 -10.19 39.70 17.96
CA THR A 192 -8.95 39.28 17.33
C THR A 192 -8.77 39.87 15.93
N HIS A 193 -9.73 40.68 15.50
CA HIS A 193 -9.68 41.35 14.20
C HIS A 193 -9.56 40.42 13.01
N PHE A 194 -10.11 39.24 13.18
CA PHE A 194 -10.09 38.21 12.15
C PHE A 194 -10.76 38.62 10.84
N LYS A 195 -11.83 39.39 10.90
CA LYS A 195 -12.54 39.77 9.68
C LYS A 195 -11.67 40.67 8.83
N ALA A 196 -11.17 41.75 9.42
CA ALA A 196 -10.30 42.67 8.68
C ALA A 196 -9.04 41.93 8.23
N ASP A 197 -8.47 41.10 9.10
CA ASP A 197 -7.25 40.36 8.77
C ASP A 197 -7.46 39.35 7.64
N LEU A 198 -8.62 38.70 7.58
CA LEU A 198 -8.87 37.75 6.49
C LEU A 198 -9.09 38.53 5.19
N ILE A 199 -9.75 39.67 5.30
CA ILE A 199 -10.00 40.49 4.12
C ILE A 199 -8.67 41.04 3.56
N SER A 200 -7.75 41.47 4.43
CA SER A 200 -6.45 41.97 3.97
C SER A 200 -5.72 40.85 3.25
N TYR A 201 -5.77 39.64 3.85
CA TYR A 201 -5.12 38.47 3.25
C TYR A 201 -5.62 38.26 1.83
N LEU A 202 -6.94 38.21 1.65
CA LEU A 202 -7.50 38.02 0.34
C LEU A 202 -7.15 39.17 -0.62
N MET A 203 -7.17 40.38 -0.09
CA MET A 203 -6.83 41.58 -0.87
C MET A 203 -5.45 41.48 -1.53
N ALA A 204 -4.49 40.90 -0.82
CA ALA A 204 -3.13 40.77 -1.37
C ALA A 204 -3.07 39.95 -2.67
N TYR A 205 -4.11 39.18 -2.97
CA TYR A 205 -4.15 38.42 -4.20
C TYR A 205 -4.44 39.33 -5.40
N ASN A 206 -5.18 40.41 -5.16
CA ASN A 206 -5.55 41.37 -6.20
C ASN A 206 -6.23 40.65 -7.37
N ALA A 207 -7.12 39.73 -7.01
CA ALA A 207 -7.86 38.90 -7.96
C ALA A 207 -9.35 39.24 -7.98
N PRO A 208 -9.95 39.27 -9.18
CA PRO A 208 -11.39 39.57 -9.38
C PRO A 208 -12.24 38.59 -8.60
N SER A 209 -11.99 37.31 -8.80
CA SER A 209 -12.77 36.27 -8.13
C SER A 209 -12.67 36.34 -6.60
N LEU A 210 -11.56 36.82 -6.07
CA LEU A 210 -11.47 36.89 -4.63
C LEU A 210 -12.12 38.18 -4.13
N LYS A 211 -12.36 39.14 -5.01
CA LYS A 211 -13.02 40.36 -4.58
C LYS A 211 -14.48 40.02 -4.25
N GLU A 212 -15.06 39.08 -4.99
CA GLU A 212 -16.44 38.68 -4.70
C GLU A 212 -16.48 38.06 -3.31
N TRP A 213 -15.51 37.20 -2.99
CA TRP A 213 -15.47 36.58 -1.68
C TRP A 213 -15.22 37.61 -0.57
N ILE A 214 -14.45 38.65 -0.88
CA ILE A 214 -14.20 39.70 0.08
C ILE A 214 -15.55 40.39 0.40
N ASP A 215 -16.39 40.54 -0.62
CA ASP A 215 -17.70 41.17 -0.44
C ASP A 215 -18.63 40.25 0.36
N VAL A 216 -18.50 38.95 0.17
CA VAL A 216 -19.32 38.01 0.91
C VAL A 216 -18.91 38.10 2.39
N ILE A 217 -17.61 38.23 2.65
CA ILE A 217 -17.14 38.34 4.02
C ILE A 217 -17.59 39.65 4.66
N HIS A 218 -17.62 40.72 3.88
CA HIS A 218 -18.07 41.99 4.41
C HIS A 218 -19.50 41.88 4.95
N LYS A 219 -20.36 41.15 4.25
CA LYS A 219 -21.75 40.98 4.65
C LYS A 219 -21.98 40.03 5.83
N HIS A 220 -20.93 39.44 6.38
CA HIS A 220 -21.15 38.51 7.48
C HIS A 220 -20.63 38.97 8.83
N ASP A 221 -21.17 38.37 9.88
CA ASP A 221 -20.78 38.70 11.24
C ASP A 221 -19.78 37.65 11.73
N LEU A 222 -18.51 38.03 11.81
CA LEU A 222 -17.47 37.11 12.27
C LEU A 222 -16.98 37.42 13.69
N SER A 223 -17.73 38.23 14.41
CA SER A 223 -17.37 38.64 15.77
C SER A 223 -17.13 37.52 16.79
N GLU A 224 -17.60 36.30 16.51
CA GLU A 224 -17.36 35.20 17.45
C GLU A 224 -15.94 34.65 17.36
N THR A 225 -15.26 34.90 16.26
CA THR A 225 -13.92 34.37 16.08
C THR A 225 -13.02 34.61 17.28
N ASN A 226 -12.42 33.55 17.81
CA ASN A 226 -11.52 33.68 18.95
C ASN A 226 -10.03 33.38 18.63
N VAL A 227 -9.70 33.23 17.34
CA VAL A 227 -8.31 33.00 16.95
C VAL A 227 -7.76 34.13 16.08
N TYR A 228 -6.45 34.32 16.11
CA TYR A 228 -5.81 35.34 15.28
C TYR A 228 -5.32 34.72 13.99
N LEU A 229 -5.44 35.44 12.89
CA LEU A 229 -5.00 34.92 11.61
C LEU A 229 -3.52 35.24 11.38
N ILE A 230 -2.75 34.25 10.94
CA ILE A 230 -1.34 34.47 10.62
C ILE A 230 -1.10 34.03 9.19
N GLY A 231 -0.94 35.00 8.29
CA GLY A 231 -0.74 34.65 6.91
C GLY A 231 0.61 35.09 6.38
N SER A 232 1.01 34.48 5.28
CA SER A 232 2.24 34.85 4.58
C SER A 232 1.74 35.17 3.18
N THR A 233 2.30 36.23 2.62
CA THR A 233 1.93 36.66 1.29
C THR A 233 3.22 37.12 0.61
N PRO A 234 3.41 36.79 -0.68
CA PRO A 234 4.62 37.17 -1.44
C PRO A 234 4.87 38.68 -1.44
N GLY A 235 6.11 39.08 -1.20
CA GLY A 235 6.40 40.50 -1.22
C GLY A 235 7.59 40.95 -0.39
N ARG A 236 7.79 42.26 -0.39
CA ARG A 236 8.88 42.85 0.34
C ARG A 236 8.24 43.93 1.17
N PHE A 237 8.19 43.68 2.48
CA PHE A 237 7.52 44.58 3.39
C PHE A 237 8.39 45.43 4.30
N GLN A 238 8.12 46.73 4.25
CA GLN A 238 8.82 47.73 5.05
C GLN A 238 7.78 48.62 5.73
N GLY A 239 8.25 49.41 6.69
CA GLY A 239 7.36 50.33 7.39
C GLY A 239 6.21 49.68 8.15
N SER A 240 4.99 50.14 7.89
CA SER A 240 3.79 49.62 8.57
C SER A 240 3.51 48.18 8.15
N GLN A 241 3.60 47.93 6.85
CA GLN A 241 3.37 46.61 6.30
C GLN A 241 4.29 45.53 6.90
N LYS A 242 5.44 45.96 7.40
CA LYS A 242 6.41 45.05 7.97
C LYS A 242 5.88 44.01 8.94
N ASP A 243 4.92 44.41 9.78
CA ASP A 243 4.34 43.49 10.76
C ASP A 243 3.10 42.77 10.26
N ASN A 244 2.76 42.93 8.99
CA ASN A 244 1.56 42.31 8.43
C ASN A 244 1.61 40.79 8.21
N TRP A 245 2.80 40.26 7.92
CA TRP A 245 2.92 38.85 7.59
C TRP A 245 4.11 38.11 8.17
N GLY A 246 4.13 36.82 7.87
CA GLY A 246 5.25 35.99 8.31
C GLY A 246 5.59 35.99 9.78
N HIS A 247 6.88 35.81 10.09
CA HIS A 247 7.24 35.74 11.48
C HIS A 247 7.12 37.07 12.22
N PHE A 248 7.08 38.15 11.47
CA PHE A 248 6.92 39.45 12.13
C PHE A 248 5.44 39.62 12.54
N ARG A 249 4.54 39.00 11.80
CA ARG A 249 3.13 39.07 12.15
C ARG A 249 2.95 38.36 13.49
N LEU A 250 3.56 37.18 13.63
CA LEU A 250 3.48 36.40 14.87
C LEU A 250 4.09 37.20 16.02
N LYS A 251 5.29 37.72 15.80
CA LYS A 251 6.00 38.54 16.78
C LYS A 251 5.09 39.64 17.31
N LYS A 252 4.46 40.36 16.38
CA LYS A 252 3.56 41.45 16.73
C LYS A 252 2.41 40.95 17.63
N LEU A 253 1.74 39.89 17.24
CA LEU A 253 0.63 39.37 18.03
C LEU A 253 1.09 38.92 19.41
N LEU A 254 2.23 38.25 19.49
CA LEU A 254 2.77 37.76 20.76
C LEU A 254 3.16 38.92 21.64
N LYS A 255 3.65 39.98 21.03
CA LYS A 255 4.02 41.15 21.79
C LYS A 255 2.78 41.84 22.37
N ASP A 256 1.74 41.98 21.56
CA ASP A 256 0.52 42.68 22.01
C ASP A 256 -0.54 41.90 22.78
N HIS A 257 -0.64 40.60 22.57
CA HIS A 257 -1.69 39.85 23.23
C HIS A 257 -1.30 38.70 24.13
N ALA A 258 -0.01 38.58 24.41
CA ALA A 258 0.49 37.53 25.27
C ALA A 258 1.29 38.22 26.38
N SER A 259 1.32 37.60 27.56
CA SER A 259 2.07 38.19 28.67
C SER A 259 3.29 37.36 28.98
N SER A 260 4.39 38.05 29.26
CA SER A 260 5.63 37.39 29.61
C SER A 260 5.55 36.92 31.06
N MET A 261 6.23 35.83 31.38
CA MET A 261 6.21 35.31 32.74
C MET A 261 7.59 35.20 33.36
N PRO A 262 7.63 35.02 34.68
CA PRO A 262 8.95 34.90 35.32
C PRO A 262 9.55 33.58 34.83
N ASN A 263 10.86 33.56 34.65
CA ASN A 263 11.53 32.34 34.20
C ASN A 263 11.07 32.01 32.79
N ALA A 264 10.67 33.04 32.03
CA ALA A 264 10.22 32.85 30.66
C ALA A 264 11.28 32.17 29.79
N GLU A 265 12.53 32.50 30.05
CA GLU A 265 13.69 31.95 29.33
C GLU A 265 13.74 30.42 29.41
N SER A 266 13.01 29.84 30.36
CA SER A 266 13.04 28.39 30.47
C SER A 266 11.85 27.73 29.80
N TRP A 267 10.99 28.53 29.16
CA TRP A 267 9.82 27.99 28.45
C TRP A 267 10.33 27.73 27.05
N PRO A 268 10.38 26.45 26.64
CA PRO A 268 10.88 26.21 25.30
C PRO A 268 9.98 26.61 24.15
N VAL A 269 10.53 26.43 22.96
CA VAL A 269 9.83 26.71 21.73
C VAL A 269 9.86 25.39 20.97
N VAL A 270 8.70 25.02 20.41
CA VAL A 270 8.58 23.79 19.63
C VAL A 270 8.12 24.11 18.19
N GLY A 271 8.72 23.45 17.21
CA GLY A 271 8.30 23.64 15.84
C GLY A 271 8.25 22.27 15.19
N GLN A 272 7.10 21.88 14.63
CA GLN A 272 7.00 20.59 13.94
C GLN A 272 6.47 20.90 12.55
N PHE A 273 7.11 20.31 11.54
CA PHE A 273 6.82 20.60 10.14
C PHE A 273 7.03 19.36 9.27
N SER A 274 6.78 19.48 7.97
CA SER A 274 6.95 18.35 7.06
C SER A 274 7.97 18.60 5.96
N SER A 275 8.59 19.77 6.00
CA SER A 275 9.58 20.12 5.01
C SER A 275 10.51 21.20 5.59
N VAL A 276 11.76 21.18 5.15
CA VAL A 276 12.77 22.13 5.60
C VAL A 276 13.39 22.89 4.42
N GLY A 277 13.60 24.18 4.57
CA GLY A 277 14.21 24.95 3.48
C GLY A 277 15.68 25.19 3.78
N SER A 278 16.38 25.96 2.94
CA SER A 278 17.80 26.28 3.20
C SER A 278 17.80 27.36 4.26
N LEU A 279 18.37 27.08 5.42
CA LEU A 279 18.38 28.07 6.49
C LEU A 279 19.74 28.79 6.65
N GLY A 280 20.75 28.33 5.91
CA GLY A 280 22.04 28.95 6.03
C GLY A 280 23.13 28.01 6.53
N ALA A 281 24.37 28.50 6.46
CA ALA A 281 25.55 27.76 6.86
C ALA A 281 25.60 27.40 8.34
N ASP A 282 24.96 28.20 9.18
CA ASP A 282 24.93 27.90 10.61
C ASP A 282 23.63 28.44 11.22
N GLU A 283 23.37 28.08 12.47
CA GLU A 283 22.17 28.49 13.16
C GLU A 283 21.94 29.99 13.34
N SER A 284 23.01 30.79 13.31
CA SER A 284 22.85 32.24 13.50
C SER A 284 22.40 32.99 12.24
N LYS A 285 22.46 32.34 11.10
CA LYS A 285 22.08 32.97 9.84
C LYS A 285 20.62 33.39 9.81
N TRP A 286 19.73 32.50 10.28
CA TRP A 286 18.32 32.86 10.26
C TRP A 286 17.52 32.22 11.39
N LEU A 287 17.71 30.91 11.58
CA LEU A 287 17.01 30.13 12.57
C LEU A 287 16.99 30.67 13.99
N CYS A 288 18.16 30.70 14.62
CA CYS A 288 18.27 31.16 15.99
C CYS A 288 18.46 32.65 16.05
N SER A 289 18.40 33.31 14.90
CA SER A 289 18.55 34.77 14.85
C SER A 289 17.19 35.43 14.78
N GLU A 290 16.70 35.67 13.58
CA GLU A 290 15.41 36.32 13.45
C GLU A 290 14.19 35.41 13.70
N PHE A 291 14.21 34.16 13.25
CA PHE A 291 13.06 33.28 13.45
C PHE A 291 12.78 33.03 14.95
N LYS A 292 13.77 32.49 15.66
CA LYS A 292 13.63 32.23 17.08
C LYS A 292 13.29 33.52 17.85
N GLU A 293 13.91 34.64 17.49
CA GLU A 293 13.61 35.90 18.18
C GLU A 293 12.13 36.22 18.11
N SER A 294 11.51 35.95 16.98
CA SER A 294 10.09 36.22 16.85
C SER A 294 9.28 35.22 17.71
N MET A 295 9.61 33.95 17.59
CA MET A 295 8.91 32.90 18.32
C MET A 295 9.01 32.98 19.85
N LEU A 296 10.07 33.59 20.37
CA LEU A 296 10.19 33.65 21.82
C LEU A 296 9.72 34.97 22.43
N THR A 297 9.13 35.79 21.59
CA THR A 297 8.60 37.07 22.03
C THR A 297 7.38 36.86 22.94
N LEU A 298 7.32 37.61 24.03
CA LEU A 298 6.20 37.52 24.94
C LEU A 298 6.05 38.85 25.63
N GLY A 299 4.88 39.48 25.47
CA GLY A 299 4.64 40.75 26.12
C GLY A 299 5.31 41.93 25.45
N LYS A 300 4.93 43.13 25.91
CA LYS A 300 5.48 44.37 25.36
C LYS A 300 6.81 44.74 26.01
N GLU A 301 7.15 44.03 27.08
CA GLU A 301 8.39 44.25 27.83
C GLU A 301 9.56 43.68 27.05
N SER A 302 10.77 43.84 27.59
CA SER A 302 11.98 43.33 26.95
C SER A 302 13.11 43.07 27.95
N LYS A 303 13.42 41.79 28.18
CA LYS A 303 14.48 41.42 29.11
C LYS A 303 15.34 40.28 28.56
N THR A 304 16.60 40.61 28.25
CA THR A 304 17.54 39.62 27.72
C THR A 304 18.88 39.55 28.47
N PRO A 305 19.40 40.70 28.96
CA PRO A 305 20.67 40.76 29.69
C PRO A 305 21.02 39.52 30.52
N GLY A 306 21.86 38.65 29.96
CA GLY A 306 22.27 37.43 30.64
C GLY A 306 21.07 36.73 31.24
N LYS A 307 20.17 36.26 30.38
CA LYS A 307 18.96 35.60 30.86
C LYS A 307 18.43 34.50 29.96
N SER A 308 17.84 34.90 28.82
CA SER A 308 17.24 33.95 27.90
C SER A 308 18.07 33.26 26.81
N SER A 309 18.14 31.94 26.92
CA SER A 309 18.80 31.07 25.94
C SER A 309 17.85 29.88 25.89
N VAL A 310 16.64 30.19 25.44
CA VAL A 310 15.54 29.26 25.33
C VAL A 310 15.82 28.04 24.47
N PRO A 311 15.42 26.85 24.95
CA PRO A 311 15.61 25.59 24.23
C PRO A 311 14.64 25.57 23.03
N LEU A 312 15.13 25.06 21.91
CA LEU A 312 14.33 24.96 20.67
C LEU A 312 14.27 23.51 20.20
N TYR A 313 13.07 22.94 20.23
CA TYR A 313 12.82 21.55 19.80
C TYR A 313 12.18 21.56 18.41
N LEU A 314 12.78 20.86 17.46
CA LEU A 314 12.20 20.79 16.12
C LEU A 314 11.76 19.34 15.90
N ILE A 315 10.52 19.17 15.51
CA ILE A 315 9.97 17.84 15.29
C ILE A 315 9.81 17.59 13.80
N TYR A 316 10.50 16.55 13.32
CA TYR A 316 10.51 16.17 11.92
C TYR A 316 10.73 14.67 11.84
N PRO A 317 9.92 13.95 11.05
CA PRO A 317 10.04 12.50 10.91
C PRO A 317 11.40 11.97 10.53
N SER A 318 11.85 10.97 11.27
CA SER A 318 13.12 10.31 11.00
C SER A 318 12.85 9.23 9.93
N VAL A 319 13.91 8.75 9.29
CA VAL A 319 13.75 7.69 8.30
C VAL A 319 12.97 6.52 8.91
N GLU A 320 13.30 6.14 10.13
CA GLU A 320 12.60 5.05 10.81
C GLU A 320 11.11 5.36 11.09
N ASN A 321 10.77 6.63 11.34
CA ASN A 321 9.38 7.04 11.58
C ASN A 321 8.60 6.69 10.32
N VAL A 322 9.18 7.05 9.16
CA VAL A 322 8.57 6.84 7.85
C VAL A 322 8.54 5.38 7.42
N ARG A 323 9.62 4.66 7.65
CA ARG A 323 9.67 3.25 7.26
C ARG A 323 8.56 2.49 7.94
N THR A 324 8.36 2.75 9.22
CA THR A 324 7.34 2.02 9.95
C THR A 324 5.95 2.63 9.92
N SER A 325 5.77 3.67 9.12
CA SER A 325 4.48 4.33 9.05
C SER A 325 3.43 3.48 8.35
N LEU A 326 2.18 3.87 8.54
CA LEU A 326 1.05 3.19 7.92
C LEU A 326 1.26 3.17 6.41
N GLU A 327 1.81 4.23 5.84
CA GLU A 327 2.04 4.28 4.39
C GLU A 327 3.36 3.67 3.93
N GLY A 328 4.32 3.62 4.83
CA GLY A 328 5.64 3.11 4.47
C GLY A 328 6.42 4.24 3.82
N TYR A 329 7.42 3.91 3.03
CA TYR A 329 8.23 4.92 2.37
C TYR A 329 7.43 5.95 1.55
N PRO A 330 6.31 5.54 0.94
CA PRO A 330 5.52 6.49 0.15
C PRO A 330 5.12 7.76 0.91
N ALA A 331 5.06 7.66 2.26
CA ALA A 331 4.73 8.83 3.07
C ALA A 331 5.84 9.87 2.87
N GLY A 332 7.04 9.40 2.60
CA GLY A 332 8.15 10.31 2.38
C GLY A 332 7.95 11.15 1.14
N GLY A 333 6.99 10.77 0.31
CA GLY A 333 6.72 11.57 -0.87
C GLY A 333 6.18 12.93 -0.46
N SER A 334 5.68 13.05 0.76
CA SER A 334 5.12 14.31 1.28
C SER A 334 5.98 14.97 2.34
N LEU A 335 7.25 14.59 2.42
CA LEU A 335 8.22 15.17 3.35
C LEU A 335 9.40 15.40 2.42
N PRO A 336 9.29 16.42 1.54
CA PRO A 336 10.30 16.79 0.55
C PRO A 336 11.61 17.48 0.92
N TYR A 337 12.34 16.91 1.88
CA TYR A 337 13.64 17.46 2.29
C TYR A 337 14.67 16.80 1.35
N SER A 338 15.33 17.61 0.51
CA SER A 338 16.29 17.09 -0.47
C SER A 338 17.71 17.02 0.06
N ILE A 339 18.46 16.02 -0.40
CA ILE A 339 19.83 15.86 0.05
C ILE A 339 20.64 17.13 -0.24
N GLN A 340 20.34 17.80 -1.36
CA GLN A 340 21.06 19.02 -1.73
C GLN A 340 20.97 20.08 -0.64
N THR A 341 19.76 20.28 -0.15
CA THR A 341 19.51 21.26 0.89
C THR A 341 20.12 20.81 2.22
N ALA A 342 19.86 19.56 2.59
CA ALA A 342 20.33 18.97 3.83
C ALA A 342 21.86 18.94 4.04
N GLU A 343 22.60 18.43 3.06
CA GLU A 343 24.05 18.35 3.20
C GLU A 343 24.70 19.69 3.54
N LYS A 344 24.02 20.80 3.21
CA LYS A 344 24.58 22.13 3.50
C LYS A 344 24.22 22.68 4.87
N GLN A 345 23.53 21.89 5.69
CA GLN A 345 23.15 22.39 7.01
C GLN A 345 22.98 21.27 8.01
N ASN A 346 23.93 20.34 8.03
CA ASN A 346 23.86 19.23 8.98
C ASN A 346 23.78 19.71 10.43
N TRP A 347 24.13 20.97 10.67
CA TRP A 347 24.07 21.51 12.04
C TRP A 347 22.62 21.51 12.55
N LEU A 348 21.67 21.66 11.63
CA LEU A 348 20.27 21.70 11.95
C LEU A 348 19.72 20.42 12.58
N HIS A 349 20.25 19.28 12.16
CA HIS A 349 19.76 18.02 12.62
C HIS A 349 20.02 17.68 14.09
N SER A 350 20.85 18.47 14.75
CA SER A 350 21.12 18.26 16.18
C SER A 350 19.91 18.71 16.98
N TYR A 351 18.99 19.41 16.31
CA TYR A 351 17.78 19.94 16.93
C TYR A 351 16.55 19.06 16.67
N PHE A 352 16.71 18.11 15.77
CA PHE A 352 15.60 17.24 15.42
C PHE A 352 15.12 16.21 16.45
N HIS A 353 13.79 16.11 16.54
CA HIS A 353 13.15 15.17 17.44
C HIS A 353 12.17 14.36 16.65
N LYS A 354 11.98 13.11 17.07
CA LYS A 354 11.10 12.19 16.37
C LYS A 354 9.63 12.50 16.45
N TRP A 355 8.88 11.96 15.51
CA TRP A 355 7.46 12.13 15.52
C TRP A 355 6.92 11.05 16.46
N SER A 356 6.13 11.47 17.43
CA SER A 356 5.51 10.55 18.38
C SER A 356 4.16 11.16 18.68
N ALA A 357 3.12 10.34 18.61
CA ALA A 357 1.79 10.87 18.82
C ALA A 357 0.84 9.84 19.39
N GLU A 358 1.30 9.18 20.44
CA GLU A 358 0.51 8.16 21.12
C GLU A 358 -0.73 8.83 21.67
N THR A 359 -0.57 10.07 22.12
CA THR A 359 -1.70 10.80 22.66
C THR A 359 -2.89 10.85 21.72
N SER A 360 -2.65 10.87 20.41
CA SER A 360 -3.76 10.90 19.43
C SER A 360 -3.77 9.62 18.59
N GLY A 361 -3.00 8.63 19.05
CA GLY A 361 -2.91 7.35 18.38
C GLY A 361 -2.40 7.47 16.96
N ARG A 362 -1.53 8.45 16.74
CA ARG A 362 -0.99 8.71 15.41
C ARG A 362 0.52 8.66 15.21
N SER A 363 1.21 7.87 16.03
CA SER A 363 2.66 7.73 15.87
C SER A 363 2.99 7.18 14.48
N ASN A 364 2.08 6.41 13.88
CA ASN A 364 2.36 5.84 12.57
C ASN A 364 1.72 6.58 11.39
N ALA A 365 1.01 7.67 11.70
CA ALA A 365 0.35 8.48 10.69
C ALA A 365 1.23 9.70 10.54
N MET A 366 2.06 9.67 9.51
CA MET A 366 3.02 10.72 9.23
C MET A 366 2.42 12.13 9.18
N PRO A 367 3.10 13.09 9.79
CA PRO A 367 2.65 14.47 9.86
C PRO A 367 2.79 15.34 8.61
N HIS A 368 1.68 15.94 8.21
CA HIS A 368 1.69 16.87 7.11
C HIS A 368 1.16 18.17 7.71
N ILE A 369 0.71 18.08 8.96
CA ILE A 369 0.24 19.25 9.69
C ILE A 369 1.54 19.97 10.09
N LYS A 370 1.46 21.27 10.34
CA LYS A 370 2.61 22.02 10.81
C LYS A 370 2.11 22.78 12.04
N THR A 371 2.92 22.80 13.09
CA THR A 371 2.54 23.51 14.31
C THR A 371 3.74 24.15 15.01
N TYR A 372 3.45 25.17 15.80
CA TYR A 372 4.46 25.86 16.57
C TYR A 372 3.79 26.19 17.88
N MET A 373 4.50 26.03 18.99
CA MET A 373 3.91 26.31 20.30
C MET A 373 4.98 26.67 21.33
N ARG A 374 4.52 27.14 22.49
CA ARG A 374 5.43 27.55 23.57
C ARG A 374 5.07 26.89 24.88
N PRO A 375 5.50 25.64 25.07
CA PRO A 375 5.17 24.98 26.34
C PRO A 375 6.00 25.47 27.49
N SER A 376 5.53 25.14 28.70
CA SER A 376 6.22 25.49 29.93
C SER A 376 7.39 24.51 30.05
N PRO A 377 8.30 24.75 31.00
CA PRO A 377 9.47 23.87 31.19
C PRO A 377 9.13 22.40 31.39
N ASP A 378 7.96 22.10 31.95
CA ASP A 378 7.57 20.72 32.19
C ASP A 378 6.49 20.22 31.21
N PHE A 379 6.22 21.05 30.19
CA PHE A 379 5.29 20.73 29.12
C PHE A 379 3.85 20.50 29.52
N SER A 380 3.49 20.86 30.73
CA SER A 380 2.12 20.67 31.21
C SER A 380 1.22 21.80 30.74
N LYS A 381 1.81 22.87 30.23
CA LYS A 381 1.06 23.98 29.70
C LYS A 381 1.74 24.72 28.55
N ILE A 382 0.96 25.51 27.81
CA ILE A 382 1.50 26.25 26.71
C ILE A 382 1.01 27.68 26.73
N ALA A 383 1.88 28.57 26.26
CA ALA A 383 1.59 29.99 26.23
C ALA A 383 0.82 30.39 24.96
N TRP A 384 0.86 29.52 23.95
CA TRP A 384 0.16 29.71 22.68
C TRP A 384 0.39 28.52 21.75
N PHE A 385 -0.44 28.37 20.75
CA PHE A 385 -0.30 27.27 19.82
C PHE A 385 -0.69 27.76 18.46
N LEU A 386 0.08 27.36 17.46
CA LEU A 386 -0.17 27.76 16.10
C LEU A 386 -0.25 26.54 15.18
N VAL A 387 -1.28 26.51 14.34
CA VAL A 387 -1.42 25.45 13.36
C VAL A 387 -1.40 26.22 12.04
N THR A 388 -0.62 25.74 11.08
CA THR A 388 -0.49 26.47 9.84
C THR A 388 0.00 25.59 8.69
N SER A 389 0.06 26.18 7.50
CA SER A 389 0.55 25.50 6.31
C SER A 389 2.07 25.76 6.23
N ALA A 390 2.57 26.69 7.04
CA ALA A 390 3.98 27.09 6.99
C ALA A 390 5.09 26.17 7.52
N ASN A 391 5.95 25.72 6.62
CA ASN A 391 7.08 24.86 6.98
C ASN A 391 8.27 25.65 7.53
N LEU A 392 9.33 24.94 7.90
CA LEU A 392 10.50 25.60 8.44
C LEU A 392 11.36 26.11 7.28
N SER A 393 10.96 27.25 6.72
CA SER A 393 11.68 27.85 5.60
C SER A 393 11.55 29.36 5.54
N LYS A 394 12.59 30.02 5.01
CA LYS A 394 12.60 31.46 4.87
C LYS A 394 11.51 31.87 3.87
N ALA A 395 11.25 31.00 2.90
CA ALA A 395 10.24 31.25 1.89
C ALA A 395 8.86 31.46 2.51
N ALA A 396 8.56 30.66 3.53
CA ALA A 396 7.28 30.70 4.22
C ALA A 396 7.15 31.79 5.29
N TRP A 397 8.16 31.92 6.14
CA TRP A 397 8.13 32.88 7.23
C TRP A 397 8.68 34.25 6.93
N GLY A 398 9.48 34.34 5.87
CA GLY A 398 10.09 35.61 5.50
C GLY A 398 11.52 35.74 5.99
N ALA A 399 12.32 36.48 5.25
CA ALA A 399 13.72 36.70 5.66
C ALA A 399 13.95 38.20 5.63
N LEU A 400 14.57 38.71 6.68
CA LEU A 400 14.89 40.13 6.75
C LEU A 400 15.93 40.49 5.69
N GLU A 401 15.69 41.60 5.00
CA GLU A 401 16.56 42.13 3.94
C GLU A 401 16.76 43.63 4.20
N LYS A 402 17.57 44.26 3.36
CA LYS A 402 17.86 45.67 3.44
C LYS A 402 18.24 46.14 4.84
N ASN A 403 19.27 45.53 5.38
CA ASN A 403 19.78 45.92 6.69
C ASN A 403 18.71 45.87 7.76
N GLY A 404 17.90 44.82 7.73
CA GLY A 404 16.85 44.64 8.71
C GLY A 404 15.61 45.51 8.60
N THR A 405 15.45 46.28 7.53
CA THR A 405 14.28 47.15 7.40
C THR A 405 13.15 46.58 6.54
N GLN A 406 13.42 45.47 5.85
CA GLN A 406 12.45 44.89 4.95
C GLN A 406 12.30 43.38 5.13
N LEU A 407 11.07 42.88 5.14
CA LEU A 407 10.84 41.45 5.28
C LEU A 407 10.41 40.88 3.95
N MET A 408 11.17 39.93 3.42
CA MET A 408 10.83 39.36 2.12
C MET A 408 10.23 37.95 2.24
N ILE A 409 9.07 37.77 1.62
CA ILE A 409 8.33 36.51 1.67
C ILE A 409 8.07 36.01 0.24
N ARG A 410 8.34 34.73 0.00
CA ARG A 410 8.14 34.20 -1.34
C ARG A 410 6.80 33.52 -1.57
N SER A 411 6.24 32.91 -0.52
CA SER A 411 5.01 32.12 -0.66
C SER A 411 3.72 32.61 0.01
N TYR A 412 2.62 31.90 -0.24
CA TYR A 412 1.35 32.20 0.43
C TYR A 412 1.24 31.10 1.49
N GLU A 413 0.95 31.49 2.72
CA GLU A 413 0.79 30.52 3.82
C GLU A 413 -0.34 31.01 4.72
N LEU A 414 -0.97 30.11 5.47
CA LEU A 414 -2.02 30.55 6.38
C LEU A 414 -2.14 29.62 7.58
N GLY A 415 -2.40 30.22 8.74
CA GLY A 415 -2.58 29.46 9.94
C GLY A 415 -3.39 30.27 10.95
N VAL A 416 -3.71 29.67 12.09
CA VAL A 416 -4.47 30.39 13.09
C VAL A 416 -3.75 30.22 14.40
N LEU A 417 -3.71 31.31 15.15
CA LEU A 417 -3.05 31.33 16.41
C LEU A 417 -4.01 31.29 17.59
N PHE A 418 -3.72 30.43 18.56
CA PHE A 418 -4.53 30.30 19.76
C PHE A 418 -3.79 30.91 20.94
N LEU A 419 -4.30 32.05 21.45
CA LEU A 419 -3.71 32.76 22.59
C LEU A 419 -4.64 32.67 23.78
N PRO A 420 -4.12 32.31 24.96
CA PRO A 420 -4.93 32.19 26.18
C PRO A 420 -5.83 33.41 26.41
N SER A 421 -5.26 34.61 26.24
CA SER A 421 -5.99 35.85 26.45
C SER A 421 -7.27 35.89 25.65
N ALA A 422 -7.27 35.32 24.45
CA ALA A 422 -8.47 35.34 23.63
C ALA A 422 -9.54 34.41 24.16
N PHE A 423 -9.16 33.57 25.13
CA PHE A 423 -10.10 32.64 25.73
C PHE A 423 -10.27 32.93 27.21
N GLY A 424 -9.83 34.11 27.64
CA GLY A 424 -9.95 34.47 29.04
C GLY A 424 -8.98 33.77 29.96
N LEU A 425 -8.08 32.98 29.40
CA LEU A 425 -7.13 32.25 30.22
C LEU A 425 -5.77 32.92 30.30
N ASP A 426 -4.94 32.40 31.19
CA ASP A 426 -3.59 32.89 31.37
C ASP A 426 -2.61 31.96 30.62
N SER A 427 -3.01 30.70 30.49
CA SER A 427 -2.21 29.72 29.78
C SER A 427 -3.16 28.58 29.49
N PHE A 428 -2.75 27.67 28.61
CA PHE A 428 -3.55 26.50 28.27
C PHE A 428 -2.93 25.28 28.93
N LYS A 429 -3.77 24.37 29.40
CA LYS A 429 -3.26 23.13 29.98
C LYS A 429 -3.18 22.22 28.78
N VAL A 430 -2.19 21.34 28.76
CA VAL A 430 -2.06 20.43 27.66
C VAL A 430 -2.89 19.20 27.97
N LYS A 431 -3.62 18.73 26.96
CA LYS A 431 -4.44 17.54 27.09
C LYS A 431 -3.50 16.43 26.65
N GLN A 432 -3.12 15.54 27.56
CA GLN A 432 -2.18 14.47 27.19
C GLN A 432 -2.73 13.05 26.98
N LYS A 433 -1.79 12.11 26.89
CA LYS A 433 -2.08 10.68 26.69
C LYS A 433 -2.35 9.94 28.02
N PHE A 434 -1.65 10.33 29.08
CA PHE A 434 -1.81 9.72 30.40
C PHE A 434 -2.99 10.29 31.21
N THR A 444 -8.62 22.72 28.28
CA THR A 444 -7.26 22.17 28.05
C THR A 444 -7.08 22.00 26.53
N PHE A 445 -5.91 22.39 26.03
CA PHE A 445 -5.65 22.33 24.61
C PHE A 445 -5.23 20.98 24.05
N PRO A 446 -5.83 20.57 22.92
CA PRO A 446 -5.48 19.27 22.35
C PRO A 446 -4.23 19.25 21.49
N VAL A 447 -3.05 19.12 22.09
CA VAL A 447 -1.82 19.03 21.32
C VAL A 447 -1.82 17.63 20.68
N PRO A 448 -1.70 17.55 19.35
CA PRO A 448 -1.70 16.27 18.60
C PRO A 448 -0.53 15.31 18.77
N TYR A 449 0.58 15.79 19.34
CA TYR A 449 1.70 14.88 19.50
C TYR A 449 2.16 14.86 20.96
N ASP A 450 2.98 13.87 21.29
CA ASP A 450 3.48 13.68 22.63
C ASP A 450 4.53 14.69 23.08
N LEU A 451 4.48 15.02 24.36
CA LEU A 451 5.44 15.91 24.96
C LEU A 451 6.01 15.16 26.18
N PRO A 452 7.30 15.36 26.48
CA PRO A 452 8.18 16.23 25.70
C PRO A 452 8.57 15.50 24.41
N PRO A 453 9.14 16.22 23.43
CA PRO A 453 9.52 15.55 22.18
C PRO A 453 10.79 14.70 22.39
N GLU A 454 10.92 13.56 21.70
CA GLU A 454 12.10 12.72 21.87
C GLU A 454 13.16 12.99 20.80
N LEU A 455 14.38 13.25 21.26
CA LEU A 455 15.51 13.53 20.38
C LEU A 455 15.87 12.33 19.49
N TYR A 456 16.35 12.61 18.29
CA TYR A 456 16.76 11.56 17.37
C TYR A 456 17.82 10.73 18.07
N GLY A 457 17.85 9.43 17.79
CA GLY A 457 18.85 8.55 18.38
C GLY A 457 20.13 8.69 17.57
N SER A 458 21.25 8.19 18.07
CA SER A 458 22.52 8.32 17.35
C SER A 458 22.49 7.68 15.96
N LYS A 459 21.64 6.69 15.77
CA LYS A 459 21.55 6.04 14.46
C LYS A 459 20.36 6.55 13.64
N ASP A 460 19.60 7.48 14.19
CA ASP A 460 18.45 8.02 13.45
C ASP A 460 18.94 9.07 12.49
N ARG A 461 18.20 9.26 11.40
CA ARG A 461 18.55 10.26 10.40
C ARG A 461 17.29 10.99 9.93
N PRO A 462 17.41 12.25 9.53
CA PRO A 462 16.21 12.95 9.07
C PRO A 462 15.75 12.37 7.73
N TRP A 463 14.45 12.25 7.55
CA TRP A 463 13.96 11.73 6.28
C TRP A 463 14.34 12.69 5.15
N ILE A 464 15.03 12.16 4.14
CA ILE A 464 15.44 12.97 2.99
C ILE A 464 14.83 12.24 1.81
N TRP A 465 13.90 12.90 1.13
CA TRP A 465 13.16 12.21 0.07
C TRP A 465 13.90 11.71 -1.18
N ASN A 466 15.01 12.33 -1.57
CA ASN A 466 15.65 11.86 -2.79
C ASN A 466 16.93 11.05 -2.71
N ILE A 467 17.03 10.16 -1.74
CA ILE A 467 18.16 9.24 -1.63
C ILE A 467 17.47 7.93 -1.35
N PRO A 468 18.08 6.80 -1.74
CA PRO A 468 17.39 5.55 -1.47
C PRO A 468 17.57 4.98 -0.07
N TYR A 469 16.62 4.12 0.31
CA TYR A 469 16.63 3.46 1.59
C TYR A 469 16.37 1.99 1.24
N VAL A 470 17.40 1.17 1.37
CA VAL A 470 17.25 -0.22 0.99
C VAL A 470 17.68 -1.23 2.04
N LYS A 471 18.16 -0.76 3.19
CA LYS A 471 18.58 -1.67 4.26
C LYS A 471 17.40 -2.45 4.88
N ALA A 472 16.29 -1.76 5.12
CA ALA A 472 15.13 -2.41 5.73
C ALA A 472 13.87 -2.02 4.98
N PRO A 473 12.96 -2.99 4.76
CA PRO A 473 11.70 -2.77 4.04
C PRO A 473 10.65 -2.07 4.90
N ASP A 474 9.65 -1.50 4.24
CA ASP A 474 8.61 -0.79 4.96
C ASP A 474 7.42 -1.68 5.28
N THR A 475 6.38 -1.06 5.83
CA THR A 475 5.20 -1.80 6.22
C THR A 475 4.51 -2.52 5.06
N HIS A 476 4.94 -2.26 3.83
CA HIS A 476 4.30 -2.93 2.69
C HIS A 476 5.28 -3.87 1.98
N GLY A 477 6.44 -4.09 2.59
CA GLY A 477 7.45 -4.96 2.03
C GLY A 477 8.33 -4.29 0.98
N ASN A 478 8.18 -2.98 0.80
CA ASN A 478 8.97 -2.27 -0.20
C ASN A 478 10.14 -1.46 0.30
N MET A 479 10.99 -1.07 -0.65
CA MET A 479 12.17 -0.25 -0.37
C MET A 479 11.91 1.10 -1.04
N TRP A 480 12.86 2.01 -0.86
CA TRP A 480 12.73 3.34 -1.44
C TRP A 480 13.90 3.61 -2.36
N VAL A 481 13.60 3.79 -3.64
CA VAL A 481 14.62 4.06 -4.65
C VAL A 481 14.13 5.24 -5.49
N PRO A 482 14.42 6.47 -5.02
CA PRO A 482 14.09 7.79 -5.56
C PRO A 482 14.18 8.01 -7.06
N SER A 483 13.88 9.26 -7.43
CA SER A 483 13.90 9.76 -8.81
C SER A 483 13.74 8.71 -9.92
N GLY B 36 19.74 -33.03 -12.87
CA GLY B 36 19.22 -32.79 -11.48
C GLY B 36 18.70 -34.07 -10.83
N ASN B 37 17.45 -34.42 -11.13
CA ASN B 37 16.79 -35.63 -10.61
C ASN B 37 15.78 -36.15 -11.63
N PRO B 38 15.28 -37.39 -11.46
CA PRO B 38 14.30 -37.94 -12.41
C PRO B 38 12.92 -37.25 -12.34
N PHE B 39 12.63 -36.62 -11.21
CA PHE B 39 11.35 -35.97 -11.08
C PHE B 39 11.31 -34.59 -11.71
N GLN B 40 12.48 -33.96 -11.80
CA GLN B 40 12.59 -32.62 -12.38
C GLN B 40 11.67 -31.64 -11.66
N PHE B 41 11.61 -31.80 -10.36
CA PHE B 41 10.80 -30.96 -9.49
C PHE B 41 11.77 -30.08 -8.70
N TYR B 42 11.64 -28.77 -8.82
CA TYR B 42 12.52 -27.84 -8.14
C TYR B 42 11.79 -26.77 -7.36
N LEU B 43 12.52 -26.11 -6.47
CA LEU B 43 11.96 -25.00 -5.71
C LEU B 43 12.64 -23.76 -6.28
N THR B 44 12.03 -22.60 -6.10
CA THR B 44 12.64 -21.38 -6.59
C THR B 44 13.73 -20.93 -5.58
N ARG B 45 14.73 -20.22 -6.06
CA ARG B 45 15.78 -19.73 -5.17
C ARG B 45 15.22 -18.77 -4.12
N VAL B 46 15.77 -18.83 -2.91
CA VAL B 46 15.36 -17.95 -1.83
C VAL B 46 16.50 -17.06 -1.33
N SER B 47 16.27 -15.75 -1.30
CA SER B 47 17.29 -14.82 -0.82
C SER B 47 17.20 -14.80 0.69
N GLY B 48 18.32 -14.94 1.36
CA GLY B 48 18.30 -14.90 2.82
C GLY B 48 18.49 -16.21 3.53
N VAL B 49 18.65 -17.30 2.78
CA VAL B 49 18.88 -18.60 3.39
C VAL B 49 20.29 -19.01 2.97
N LYS B 50 20.88 -19.99 3.66
CA LYS B 50 22.22 -20.43 3.32
C LYS B 50 22.25 -20.97 1.91
N PRO B 51 23.39 -20.78 1.23
CA PRO B 51 23.60 -21.23 -0.15
C PRO B 51 23.34 -22.73 -0.42
N LYS B 52 23.55 -23.57 0.59
CA LYS B 52 23.31 -24.99 0.42
C LYS B 52 21.83 -25.24 0.14
N TYR B 53 20.98 -24.33 0.60
CA TYR B 53 19.55 -24.46 0.39
C TYR B 53 19.10 -23.95 -0.98
N ASN B 54 20.03 -23.36 -1.73
CA ASN B 54 19.71 -22.88 -3.08
C ASN B 54 20.48 -23.66 -4.13
N SER B 55 21.32 -24.60 -3.73
CA SER B 55 22.02 -25.39 -4.74
C SER B 55 20.94 -26.41 -5.10
N GLY B 56 20.51 -26.39 -6.35
CA GLY B 56 19.45 -27.27 -6.75
C GLY B 56 18.15 -26.47 -6.94
N ALA B 57 18.17 -25.19 -6.55
CA ALA B 57 16.99 -24.34 -6.71
C ALA B 57 17.10 -23.55 -8.02
N LEU B 58 15.98 -23.12 -8.56
CA LEU B 58 16.03 -22.37 -9.81
C LEU B 58 15.45 -20.98 -9.70
N HIS B 59 16.04 -20.06 -10.45
CA HIS B 59 15.50 -18.70 -10.49
C HIS B 59 14.95 -18.57 -11.91
N ILE B 60 13.96 -17.71 -12.11
CA ILE B 60 13.42 -17.56 -13.45
C ILE B 60 14.51 -17.22 -14.47
N LYS B 61 15.58 -16.56 -14.04
CA LYS B 61 16.66 -16.26 -15.00
C LYS B 61 17.41 -17.54 -15.41
N ASP B 62 17.45 -18.54 -14.53
CA ASP B 62 18.10 -19.82 -14.85
C ASP B 62 17.23 -20.57 -15.86
N ILE B 63 15.92 -20.48 -15.67
CA ILE B 63 14.99 -21.16 -16.54
C ILE B 63 15.07 -20.61 -17.96
N LEU B 64 15.17 -19.29 -18.08
CA LEU B 64 15.22 -18.66 -19.40
C LEU B 64 16.61 -18.62 -20.04
N SER B 65 17.60 -19.10 -19.33
CA SER B 65 18.97 -19.11 -19.82
C SER B 65 19.17 -19.77 -21.20
N PRO B 66 20.19 -19.31 -21.94
CA PRO B 66 20.55 -19.82 -23.27
C PRO B 66 21.06 -21.24 -23.16
N LEU B 67 21.49 -21.61 -21.96
CA LEU B 67 22.00 -22.94 -21.69
C LEU B 67 20.88 -23.96 -21.86
N PHE B 68 19.64 -23.49 -21.72
CA PHE B 68 18.45 -24.33 -21.87
C PHE B 68 17.99 -24.41 -23.32
N GLY B 69 18.71 -23.72 -24.21
CA GLY B 69 18.36 -23.73 -25.62
C GLY B 69 18.41 -22.35 -26.25
N THR B 70 18.33 -22.29 -27.58
CA THR B 70 18.36 -21.03 -28.31
C THR B 70 16.91 -20.61 -28.52
N LEU B 71 16.42 -19.75 -27.62
CA LEU B 71 15.05 -19.29 -27.64
C LEU B 71 14.57 -18.67 -28.97
N VAL B 72 13.38 -19.07 -29.39
CA VAL B 72 12.80 -18.58 -30.62
C VAL B 72 11.49 -17.85 -30.33
N SER B 73 10.70 -18.41 -29.41
CA SER B 73 9.43 -17.81 -29.06
C SER B 73 9.04 -18.37 -27.71
N SER B 74 8.10 -17.72 -27.04
CA SER B 74 7.67 -18.22 -25.76
C SER B 74 6.29 -17.72 -25.37
N ALA B 75 5.65 -18.40 -24.43
CA ALA B 75 4.34 -17.99 -23.96
C ALA B 75 4.35 -18.06 -22.44
N GLN B 76 3.77 -17.05 -21.80
CA GLN B 76 3.70 -16.98 -20.35
C GLN B 76 2.24 -16.91 -19.84
N PHE B 77 1.81 -17.98 -19.20
CA PHE B 77 0.46 -18.05 -18.62
C PHE B 77 0.67 -17.66 -17.16
N ASN B 78 -0.18 -16.79 -16.62
CA ASN B 78 -0.07 -16.38 -15.22
C ASN B 78 -1.26 -15.58 -14.74
N TYR B 79 -1.23 -15.22 -13.47
CA TYR B 79 -2.28 -14.42 -12.89
C TYR B 79 -1.80 -12.96 -12.92
N CYS B 80 -0.76 -12.63 -12.14
CA CYS B 80 -0.21 -11.27 -12.09
C CYS B 80 1.08 -11.13 -12.88
N PHE B 81 1.27 -9.96 -13.49
CA PHE B 81 2.45 -9.68 -14.32
C PHE B 81 3.10 -8.33 -14.04
N ASP B 82 4.41 -8.27 -14.28
CA ASP B 82 5.20 -7.06 -14.16
C ASP B 82 6.07 -7.18 -15.40
N VAL B 83 5.55 -6.69 -16.51
CA VAL B 83 6.24 -6.82 -17.79
C VAL B 83 7.66 -6.30 -17.83
N ASP B 84 7.90 -5.11 -17.26
CA ASP B 84 9.24 -4.54 -17.22
C ASP B 84 10.19 -5.54 -16.57
N TRP B 85 9.76 -6.05 -15.41
CA TRP B 85 10.54 -7.04 -14.65
C TRP B 85 10.74 -8.30 -15.48
N LEU B 86 9.63 -8.84 -15.98
CA LEU B 86 9.65 -10.05 -16.80
C LEU B 86 10.66 -9.95 -17.94
N VAL B 87 10.57 -8.91 -18.75
CA VAL B 87 11.50 -8.77 -19.88
C VAL B 87 12.95 -8.80 -19.40
N LYS B 88 13.22 -8.23 -18.23
CA LYS B 88 14.59 -8.24 -17.73
C LYS B 88 15.06 -9.63 -17.27
N GLN B 89 14.14 -10.58 -17.16
CA GLN B 89 14.52 -11.93 -16.76
C GLN B 89 15.05 -12.72 -17.94
N TYR B 90 14.61 -12.36 -19.14
CA TYR B 90 15.08 -13.03 -20.35
C TYR B 90 16.50 -12.55 -20.66
N PRO B 91 17.35 -13.44 -21.20
CA PRO B 91 18.72 -13.00 -21.53
C PRO B 91 18.64 -11.87 -22.56
N PRO B 92 19.53 -10.88 -22.45
CA PRO B 92 19.55 -9.75 -23.39
C PRO B 92 19.34 -10.11 -24.86
N GLU B 93 19.88 -11.24 -25.28
CA GLU B 93 19.74 -11.69 -26.66
C GLU B 93 18.32 -12.19 -27.01
N PHE B 94 17.64 -12.81 -26.05
CA PHE B 94 16.31 -13.33 -26.30
C PHE B 94 15.22 -12.31 -26.03
N ARG B 95 15.59 -11.15 -25.51
CA ARG B 95 14.60 -10.13 -25.20
C ARG B 95 13.75 -9.62 -26.35
N LYS B 96 14.20 -9.81 -27.58
CA LYS B 96 13.40 -9.33 -28.71
C LYS B 96 12.46 -10.37 -29.33
N LYS B 97 12.64 -11.64 -28.95
CA LYS B 97 11.79 -12.73 -29.45
C LYS B 97 10.36 -12.48 -28.96
N PRO B 98 9.36 -12.95 -29.74
CA PRO B 98 7.94 -12.78 -29.40
C PRO B 98 7.57 -13.44 -28.08
N ILE B 99 6.61 -12.82 -27.40
CA ILE B 99 6.14 -13.28 -26.11
C ILE B 99 4.65 -13.18 -26.03
N LEU B 100 3.99 -14.27 -25.67
CA LEU B 100 2.55 -14.28 -25.54
C LEU B 100 2.20 -14.34 -24.06
N LEU B 101 1.47 -13.33 -23.60
CA LEU B 101 1.05 -13.26 -22.21
C LEU B 101 -0.41 -13.74 -22.20
N VAL B 102 -0.67 -14.83 -21.49
CA VAL B 102 -2.02 -15.36 -21.43
C VAL B 102 -2.48 -15.01 -20.03
N HIS B 103 -3.48 -14.15 -19.93
CA HIS B 103 -3.98 -13.68 -18.63
C HIS B 103 -5.51 -13.71 -18.62
N GLY B 104 -6.10 -13.28 -17.49
CA GLY B 104 -7.56 -13.24 -17.41
C GLY B 104 -8.09 -11.89 -16.91
N ASP B 105 -7.30 -10.84 -17.04
CA ASP B 105 -7.72 -9.50 -16.57
C ASP B 105 -8.84 -8.83 -17.36
N LYS B 106 -9.75 -8.19 -16.65
CA LYS B 106 -10.87 -7.51 -17.29
C LYS B 106 -10.92 -6.03 -16.99
N ARG B 107 -11.49 -5.26 -17.91
CA ARG B 107 -11.68 -3.83 -17.73
C ARG B 107 -10.42 -3.00 -17.53
N GLU B 108 -10.35 -2.23 -16.44
CA GLU B 108 -9.17 -1.40 -16.17
C GLU B 108 -7.91 -2.25 -15.98
N ALA B 109 -8.04 -3.35 -15.24
CA ALA B 109 -6.91 -4.25 -15.02
C ALA B 109 -6.33 -4.65 -16.38
N LYS B 110 -7.23 -5.00 -17.30
CA LYS B 110 -6.82 -5.41 -18.63
C LYS B 110 -6.08 -4.28 -19.35
N ALA B 111 -6.57 -3.05 -19.17
CA ALA B 111 -5.96 -1.89 -19.81
C ALA B 111 -4.59 -1.61 -19.20
N HIS B 112 -4.50 -1.70 -17.88
CA HIS B 112 -3.22 -1.46 -17.23
C HIS B 112 -2.20 -2.43 -17.81
N LEU B 113 -2.62 -3.67 -18.00
CA LEU B 113 -1.71 -4.67 -18.53
C LEU B 113 -1.26 -4.30 -19.94
N HIS B 114 -2.20 -3.96 -20.82
CA HIS B 114 -1.82 -3.57 -22.19
C HIS B 114 -0.84 -2.41 -22.14
N ALA B 115 -1.06 -1.52 -21.16
CA ALA B 115 -0.19 -0.38 -20.95
C ALA B 115 1.24 -0.81 -20.62
N GLN B 116 1.41 -1.81 -19.74
CA GLN B 116 2.77 -2.24 -19.40
C GLN B 116 3.43 -2.86 -20.64
N ALA B 117 2.61 -3.51 -21.44
CA ALA B 117 3.11 -4.19 -22.64
C ALA B 117 3.42 -3.23 -23.78
N LYS B 118 2.65 -2.16 -23.88
CA LYS B 118 2.79 -1.15 -24.93
C LYS B 118 4.23 -0.93 -25.45
N PRO B 119 5.18 -0.62 -24.55
CA PRO B 119 6.58 -0.37 -24.91
C PRO B 119 7.25 -1.49 -25.70
N TYR B 120 6.98 -2.73 -25.33
CA TYR B 120 7.58 -3.89 -25.97
C TYR B 120 6.70 -4.38 -27.12
N GLU B 121 7.12 -4.13 -28.36
CA GLU B 121 6.34 -4.55 -29.53
C GLU B 121 6.30 -6.07 -29.79
N ASN B 122 7.29 -6.80 -29.30
CA ASN B 122 7.34 -8.25 -29.48
C ASN B 122 6.35 -8.96 -28.55
N ILE B 123 5.64 -8.21 -27.73
CA ILE B 123 4.72 -8.81 -26.79
C ILE B 123 3.25 -8.76 -27.20
N SER B 124 2.63 -9.93 -27.25
CA SER B 124 1.21 -10.02 -27.61
C SER B 124 0.50 -10.53 -26.37
N LEU B 125 -0.76 -10.18 -26.21
CA LEU B 125 -1.55 -10.61 -25.07
C LEU B 125 -2.73 -11.47 -25.50
N CYS B 126 -3.24 -12.26 -24.56
CA CYS B 126 -4.37 -13.13 -24.80
C CYS B 126 -5.24 -13.16 -23.55
N GLN B 127 -6.43 -12.58 -23.63
CA GLN B 127 -7.31 -12.59 -22.49
C GLN B 127 -8.19 -13.85 -22.43
N ALA B 128 -7.82 -14.79 -21.57
CA ALA B 128 -8.57 -16.01 -21.43
C ALA B 128 -9.96 -15.64 -20.93
N LYS B 129 -10.98 -16.20 -21.55
CA LYS B 129 -12.35 -15.92 -21.16
C LYS B 129 -12.69 -16.54 -19.83
N LEU B 130 -13.46 -15.79 -19.05
CA LEU B 130 -13.92 -16.22 -17.73
C LEU B 130 -15.41 -15.91 -17.70
N ASP B 131 -16.17 -16.74 -18.39
CA ASP B 131 -17.61 -16.55 -18.49
C ASP B 131 -18.41 -17.03 -17.30
N ILE B 132 -17.70 -17.27 -16.20
CA ILE B 132 -18.36 -17.71 -14.98
C ILE B 132 -17.94 -16.82 -13.82
N ALA B 133 -18.95 -16.34 -13.12
CA ALA B 133 -18.76 -15.44 -11.99
C ALA B 133 -17.64 -15.81 -11.02
N PHE B 134 -16.78 -14.83 -10.76
CA PHE B 134 -15.70 -14.99 -9.82
C PHE B 134 -14.60 -15.96 -10.18
N GLY B 135 -14.32 -16.09 -11.48
CA GLY B 135 -13.26 -16.98 -11.93
C GLY B 135 -11.99 -16.20 -12.22
N THR B 136 -10.83 -16.85 -12.14
CA THR B 136 -9.59 -16.16 -12.41
C THR B 136 -8.71 -17.08 -13.25
N HIS B 137 -7.75 -16.53 -13.97
CA HIS B 137 -6.86 -17.36 -14.73
C HIS B 137 -5.62 -17.52 -13.86
N HIS B 138 -5.63 -18.56 -13.04
CA HIS B 138 -4.56 -18.81 -12.08
C HIS B 138 -3.43 -19.68 -12.58
N THR B 139 -3.61 -20.32 -13.72
CA THR B 139 -2.60 -21.19 -14.29
C THR B 139 -1.24 -20.53 -14.52
N LYS B 140 -0.18 -21.18 -14.06
CA LYS B 140 1.17 -20.66 -14.22
C LYS B 140 2.03 -21.63 -14.98
N MET B 141 2.29 -21.29 -16.24
CA MET B 141 3.05 -22.15 -17.13
C MET B 141 3.84 -21.36 -18.16
N MET B 142 4.93 -21.94 -18.61
CA MET B 142 5.80 -21.33 -19.62
C MET B 142 5.96 -22.30 -20.80
N LEU B 143 5.67 -21.81 -22.01
CA LEU B 143 5.87 -22.60 -23.23
C LEU B 143 7.13 -21.98 -23.86
N LEU B 144 8.19 -22.77 -24.03
CA LEU B 144 9.44 -22.25 -24.58
C LEU B 144 9.84 -22.91 -25.90
N LEU B 145 9.72 -22.16 -27.00
CA LEU B 145 10.09 -22.70 -28.30
C LEU B 145 11.55 -22.42 -28.59
N TYR B 146 12.34 -23.47 -28.80
CA TYR B 146 13.76 -23.36 -29.09
C TYR B 146 14.06 -23.86 -30.49
N GLU B 147 15.28 -23.58 -30.94
CA GLU B 147 15.71 -24.03 -32.25
C GLU B 147 15.94 -25.53 -32.17
N GLU B 148 16.36 -25.98 -30.99
CA GLU B 148 16.66 -27.38 -30.75
C GLU B 148 15.45 -28.19 -30.24
N GLY B 149 14.31 -27.53 -30.07
CA GLY B 149 13.16 -28.24 -29.59
C GLY B 149 12.20 -27.41 -28.78
N LEU B 150 11.47 -28.09 -27.90
CA LEU B 150 10.47 -27.41 -27.09
C LEU B 150 10.55 -27.82 -25.62
N ARG B 151 10.27 -26.86 -24.74
CA ARG B 151 10.29 -27.13 -23.32
C ARG B 151 9.00 -26.56 -22.75
N VAL B 152 8.48 -27.22 -21.73
CA VAL B 152 7.26 -26.81 -21.07
C VAL B 152 7.61 -26.65 -19.59
N VAL B 153 7.14 -25.58 -18.98
CA VAL B 153 7.43 -25.36 -17.57
C VAL B 153 6.12 -25.09 -16.86
N ILE B 154 5.86 -25.84 -15.79
CA ILE B 154 4.64 -25.65 -15.02
C ILE B 154 5.10 -25.35 -13.61
N HIS B 155 4.65 -24.21 -13.08
CA HIS B 155 5.10 -23.77 -11.78
C HIS B 155 4.03 -23.05 -10.99
N THR B 156 4.43 -22.34 -9.94
CA THR B 156 3.46 -21.66 -9.09
C THR B 156 3.72 -20.16 -8.86
N SER B 157 4.73 -19.58 -9.50
CA SER B 157 5.02 -18.16 -9.29
C SER B 157 4.36 -17.14 -10.23
N ASN B 158 3.86 -16.05 -9.65
CA ASN B 158 3.30 -14.98 -10.46
C ASN B 158 4.56 -14.36 -11.10
N LEU B 159 4.40 -13.59 -12.17
CA LEU B 159 5.60 -13.02 -12.79
C LEU B 159 5.96 -11.62 -12.29
N ILE B 160 6.16 -11.55 -10.98
CA ILE B 160 6.53 -10.32 -10.29
C ILE B 160 7.71 -10.68 -9.40
N HIS B 161 8.62 -9.73 -9.22
CA HIS B 161 9.82 -9.93 -8.40
C HIS B 161 9.60 -10.59 -7.05
N ALA B 162 8.53 -10.20 -6.34
CA ALA B 162 8.29 -10.75 -5.02
C ALA B 162 7.96 -12.24 -4.94
N ASP B 163 7.46 -12.84 -6.04
CA ASP B 163 7.12 -14.27 -6.02
C ASP B 163 8.35 -15.15 -6.24
N TRP B 164 9.46 -14.54 -6.63
CA TRP B 164 10.70 -15.25 -6.86
C TRP B 164 11.79 -14.79 -5.89
N HIS B 165 11.38 -14.08 -4.84
CA HIS B 165 12.34 -13.54 -3.91
C HIS B 165 12.54 -14.35 -2.64
N GLN B 166 11.53 -14.39 -1.78
CA GLN B 166 11.65 -15.12 -0.52
C GLN B 166 10.46 -16.00 -0.18
N LYS B 167 9.88 -16.62 -1.19
CA LYS B 167 8.75 -17.52 -0.94
C LYS B 167 9.12 -18.94 -1.38
N THR B 168 8.42 -19.93 -0.85
CA THR B 168 8.65 -21.28 -1.30
C THR B 168 7.72 -21.46 -2.52
N GLN B 169 8.30 -21.74 -3.68
CA GLN B 169 7.51 -21.94 -4.90
C GLN B 169 7.97 -23.25 -5.56
N GLY B 170 7.05 -23.88 -6.30
CA GLY B 170 7.34 -25.12 -6.98
C GLY B 170 7.48 -24.96 -8.49
N ILE B 171 8.35 -25.77 -9.08
CA ILE B 171 8.60 -25.74 -10.51
C ILE B 171 8.79 -27.14 -11.07
N TRP B 172 8.16 -27.40 -12.21
CA TRP B 172 8.36 -28.67 -12.89
C TRP B 172 8.91 -28.35 -14.27
N LEU B 173 10.02 -28.98 -14.60
CA LEU B 173 10.67 -28.78 -15.90
C LEU B 173 10.52 -30.00 -16.80
N SER B 174 9.90 -29.81 -17.95
CA SER B 174 9.73 -30.89 -18.90
C SER B 174 11.10 -31.08 -19.51
N PRO B 175 11.34 -32.22 -20.14
CA PRO B 175 12.67 -32.34 -20.73
C PRO B 175 12.62 -31.56 -22.03
N LEU B 176 13.75 -31.43 -22.71
CA LEU B 176 13.77 -30.76 -24.01
C LEU B 176 13.11 -31.72 -25.00
N TYR B 177 11.97 -31.35 -25.57
CA TYR B 177 11.27 -32.20 -26.52
C TYR B 177 11.78 -31.86 -27.91
N PRO B 178 12.25 -32.87 -28.65
CA PRO B 178 12.76 -32.64 -30.01
C PRO B 178 11.62 -32.49 -31.00
N ARG B 179 11.88 -31.82 -32.11
CA ARG B 179 10.88 -31.61 -33.16
C ARG B 179 10.73 -32.94 -33.88
N ILE B 180 9.50 -33.30 -34.28
CA ILE B 180 9.30 -34.56 -34.98
C ILE B 180 9.78 -34.39 -36.43
N ALA B 181 10.71 -35.25 -36.84
CA ALA B 181 11.28 -35.21 -38.19
C ALA B 181 10.26 -34.81 -39.25
N ASP B 182 10.27 -33.53 -39.64
CA ASP B 182 9.34 -32.99 -40.64
C ASP B 182 9.27 -33.92 -41.87
N GLY B 183 8.06 -34.39 -42.17
CA GLY B 183 7.86 -35.29 -43.28
C GLY B 183 7.78 -36.72 -42.77
N THR B 184 7.88 -36.86 -41.45
CA THR B 184 7.81 -38.16 -40.80
C THR B 184 6.57 -38.22 -39.92
N HIS B 185 5.87 -39.35 -39.97
CA HIS B 185 4.67 -39.52 -39.17
C HIS B 185 4.98 -40.33 -37.91
N LYS B 186 4.46 -39.80 -36.80
CA LYS B 186 4.67 -40.39 -35.48
C LYS B 186 3.86 -39.60 -34.46
N SER B 187 3.28 -40.29 -33.47
CA SER B 187 2.53 -39.57 -32.45
C SER B 187 3.66 -39.18 -31.53
N GLY B 188 3.65 -38.01 -30.96
CA GLY B 188 4.79 -37.79 -30.08
C GLY B 188 4.27 -37.93 -28.67
N GLU B 189 3.47 -38.98 -28.45
CA GLU B 189 2.79 -39.18 -27.18
C GLU B 189 3.50 -40.00 -26.11
N SER B 190 3.20 -39.71 -24.85
CA SER B 190 3.83 -40.45 -23.76
C SER B 190 2.80 -41.34 -23.05
N PRO B 191 3.30 -42.28 -22.22
CA PRO B 191 2.47 -43.21 -21.46
C PRO B 191 1.48 -42.44 -20.60
N THR B 192 1.83 -41.22 -20.24
CA THR B 192 0.92 -40.42 -19.41
C THR B 192 -0.06 -39.58 -20.23
N HIS B 193 0.03 -39.65 -21.56
CA HIS B 193 -0.85 -38.88 -22.46
C HIS B 193 -0.71 -37.37 -22.31
N PHE B 194 0.48 -36.94 -21.88
CA PHE B 194 0.76 -35.54 -21.66
C PHE B 194 0.46 -34.66 -22.86
N LYS B 195 1.01 -35.01 -24.02
CA LYS B 195 0.82 -34.26 -25.24
C LYS B 195 -0.64 -33.98 -25.53
N ALA B 196 -1.43 -35.03 -25.69
CA ALA B 196 -2.86 -34.85 -25.95
C ALA B 196 -3.53 -34.02 -24.86
N ASP B 197 -3.23 -34.29 -23.58
CA ASP B 197 -3.83 -33.56 -22.46
C ASP B 197 -3.46 -32.07 -22.39
N LEU B 198 -2.25 -31.72 -22.84
CA LEU B 198 -1.84 -30.33 -22.87
C LEU B 198 -2.61 -29.64 -24.02
N ILE B 199 -2.62 -30.29 -25.19
CA ILE B 199 -3.31 -29.74 -26.35
C ILE B 199 -4.77 -29.53 -26.03
N SER B 200 -5.37 -30.50 -25.35
CA SER B 200 -6.75 -30.37 -24.97
C SER B 200 -6.93 -29.18 -23.98
N TYR B 201 -5.98 -29.02 -23.05
CA TYR B 201 -6.06 -27.93 -22.09
C TYR B 201 -6.04 -26.58 -22.80
N LEU B 202 -5.09 -26.44 -23.73
CA LEU B 202 -4.96 -25.21 -24.49
C LEU B 202 -6.16 -24.99 -25.37
N MET B 203 -6.81 -26.10 -25.74
CA MET B 203 -7.98 -26.08 -26.62
C MET B 203 -9.16 -25.39 -25.96
N ALA B 204 -9.33 -25.65 -24.67
CA ALA B 204 -10.43 -25.08 -23.91
C ALA B 204 -10.42 -23.54 -23.92
N TYR B 205 -9.27 -22.90 -24.10
CA TYR B 205 -9.25 -21.44 -24.15
C TYR B 205 -9.93 -20.97 -25.43
N ASN B 206 -9.83 -21.77 -26.48
CA ASN B 206 -10.47 -21.44 -27.74
C ASN B 206 -9.92 -20.11 -28.27
N ALA B 207 -8.62 -19.89 -28.15
CA ALA B 207 -8.02 -18.64 -28.60
C ALA B 207 -7.13 -18.83 -29.83
N PRO B 208 -7.15 -17.84 -30.73
CA PRO B 208 -6.37 -17.82 -31.96
C PRO B 208 -4.89 -18.07 -31.69
N SER B 209 -4.34 -17.24 -30.80
CA SER B 209 -2.92 -17.29 -30.44
C SER B 209 -2.46 -18.60 -29.80
N LEU B 210 -3.37 -19.33 -29.15
CA LEU B 210 -2.98 -20.60 -28.54
C LEU B 210 -3.05 -21.71 -29.58
N LYS B 211 -3.98 -21.57 -30.52
CA LYS B 211 -4.13 -22.56 -31.58
C LYS B 211 -2.76 -22.66 -32.24
N GLU B 212 -2.04 -21.54 -32.29
CA GLU B 212 -0.70 -21.55 -32.89
C GLU B 212 0.26 -22.40 -32.05
N TRP B 213 0.14 -22.31 -30.72
CA TRP B 213 1.02 -23.10 -29.86
C TRP B 213 0.64 -24.58 -29.90
N ILE B 214 -0.66 -24.85 -30.05
CA ILE B 214 -1.13 -26.22 -30.18
C ILE B 214 -0.42 -26.87 -31.37
N ASP B 215 -0.30 -26.15 -32.47
CA ASP B 215 0.37 -26.67 -33.66
C ASP B 215 1.85 -26.92 -33.45
N VAL B 216 2.46 -26.12 -32.57
CA VAL B 216 3.88 -26.29 -32.26
C VAL B 216 4.04 -27.57 -31.46
N ILE B 217 3.14 -27.79 -30.51
CA ILE B 217 3.23 -28.99 -29.70
C ILE B 217 3.04 -30.23 -30.58
N HIS B 218 2.07 -30.16 -31.49
CA HIS B 218 1.78 -31.27 -32.39
C HIS B 218 3.03 -31.67 -33.13
N LYS B 219 3.89 -30.70 -33.41
CA LYS B 219 5.10 -30.98 -34.16
C LYS B 219 6.27 -31.51 -33.32
N HIS B 220 6.07 -31.62 -32.01
CA HIS B 220 7.14 -32.13 -31.17
C HIS B 220 6.84 -33.46 -30.53
N ASP B 221 7.90 -34.13 -30.10
CA ASP B 221 7.85 -35.44 -29.47
C ASP B 221 7.91 -35.30 -27.95
N LEU B 222 6.76 -35.47 -27.30
CA LEU B 222 6.72 -35.35 -25.85
C LEU B 222 6.63 -36.71 -25.17
N SER B 223 7.03 -37.77 -25.89
CA SER B 223 6.92 -39.11 -25.35
C SER B 223 7.74 -39.41 -24.09
N GLU B 224 8.74 -38.58 -23.82
CA GLU B 224 9.58 -38.78 -22.64
C GLU B 224 8.91 -38.30 -21.34
N THR B 225 7.77 -37.63 -21.46
CA THR B 225 7.05 -37.11 -20.29
C THR B 225 6.57 -38.19 -19.32
N ASN B 226 6.88 -38.03 -18.05
CA ASN B 226 6.48 -39.02 -17.06
C ASN B 226 5.51 -38.53 -15.97
N VAL B 227 4.89 -37.36 -16.17
CA VAL B 227 3.94 -36.82 -15.21
C VAL B 227 2.58 -36.69 -15.90
N TYR B 228 1.51 -36.63 -15.11
CA TYR B 228 0.17 -36.47 -15.66
C TYR B 228 -0.30 -35.01 -15.50
N LEU B 229 -0.90 -34.48 -16.54
CA LEU B 229 -1.40 -33.11 -16.50
C LEU B 229 -2.76 -33.06 -15.79
N ILE B 230 -2.89 -32.15 -14.83
CA ILE B 230 -4.16 -31.98 -14.13
C ILE B 230 -4.55 -30.51 -14.27
N GLY B 231 -5.56 -30.27 -15.09
CA GLY B 231 -5.99 -28.90 -15.30
C GLY B 231 -7.41 -28.62 -14.90
N SER B 232 -7.71 -27.34 -14.78
CA SER B 232 -9.04 -26.87 -14.45
C SER B 232 -9.33 -25.81 -15.49
N THR B 233 -10.52 -25.82 -16.06
CA THR B 233 -10.91 -24.78 -17.01
C THR B 233 -12.30 -24.37 -16.57
N PRO B 234 -12.72 -23.14 -16.88
CA PRO B 234 -14.07 -22.79 -16.42
C PRO B 234 -15.15 -23.53 -17.19
N GLY B 235 -16.22 -23.93 -16.51
CA GLY B 235 -17.30 -24.62 -17.18
C GLY B 235 -18.17 -25.47 -16.27
N ARG B 236 -19.22 -26.03 -16.88
CA ARG B 236 -20.15 -26.90 -16.18
C ARG B 236 -20.10 -28.21 -16.98
N PHE B 237 -19.40 -29.19 -16.43
CA PHE B 237 -19.21 -30.44 -17.13
C PHE B 237 -20.14 -31.56 -16.71
N GLN B 238 -20.75 -32.19 -17.70
CA GLN B 238 -21.69 -33.29 -17.52
C GLN B 238 -21.15 -34.48 -18.29
N GLY B 239 -21.57 -35.67 -17.90
CA GLY B 239 -21.14 -36.88 -18.57
C GLY B 239 -19.65 -37.13 -18.53
N SER B 240 -19.14 -37.70 -19.63
CA SER B 240 -17.72 -38.02 -19.74
C SER B 240 -16.82 -36.85 -19.38
N GLN B 241 -17.23 -35.65 -19.79
CA GLN B 241 -16.45 -34.45 -19.55
C GLN B 241 -16.23 -34.17 -18.08
N LYS B 242 -17.00 -34.79 -17.20
CA LYS B 242 -16.81 -34.57 -15.77
C LYS B 242 -15.41 -35.02 -15.35
N ASP B 243 -14.82 -35.94 -16.10
CA ASP B 243 -13.52 -36.49 -15.77
C ASP B 243 -12.34 -35.75 -16.36
N ASN B 244 -12.59 -34.73 -17.17
CA ASN B 244 -11.50 -33.98 -17.79
C ASN B 244 -10.76 -32.99 -16.90
N TRP B 245 -11.46 -32.40 -15.93
CA TRP B 245 -10.88 -31.35 -15.08
C TRP B 245 -11.15 -31.44 -13.59
N GLY B 246 -10.49 -30.57 -12.84
CA GLY B 246 -10.67 -30.49 -11.41
C GLY B 246 -10.43 -31.73 -10.57
N HIS B 247 -11.09 -31.82 -9.43
CA HIS B 247 -10.89 -32.96 -8.58
C HIS B 247 -11.41 -34.26 -9.20
N PHE B 248 -12.31 -34.15 -10.17
CA PHE B 248 -12.79 -35.36 -10.81
C PHE B 248 -11.69 -35.90 -11.71
N ARG B 249 -10.92 -35.00 -12.34
CA ARG B 249 -9.81 -35.42 -13.18
C ARG B 249 -8.78 -36.12 -12.30
N LEU B 250 -8.55 -35.59 -11.11
CA LEU B 250 -7.60 -36.20 -10.19
C LEU B 250 -8.08 -37.62 -9.87
N LYS B 251 -9.37 -37.75 -9.57
CA LYS B 251 -9.96 -39.02 -9.22
C LYS B 251 -9.78 -40.09 -10.32
N LYS B 252 -10.03 -39.69 -11.56
CA LYS B 252 -9.92 -40.59 -12.69
C LYS B 252 -8.52 -41.15 -12.78
N LEU B 253 -7.52 -40.28 -12.65
CA LEU B 253 -6.13 -40.71 -12.72
C LEU B 253 -5.72 -41.62 -11.56
N LEU B 254 -6.18 -41.35 -10.35
CA LEU B 254 -5.80 -42.21 -9.23
C LEU B 254 -6.52 -43.56 -9.32
N LYS B 255 -7.64 -43.56 -10.01
CA LYS B 255 -8.44 -44.76 -10.19
C LYS B 255 -7.75 -45.68 -11.19
N ASP B 256 -7.37 -45.13 -12.34
CA ASP B 256 -6.74 -45.92 -13.40
C ASP B 256 -5.23 -46.13 -13.33
N HIS B 257 -4.51 -45.37 -12.51
CA HIS B 257 -3.05 -45.53 -12.50
C HIS B 257 -2.36 -45.68 -11.16
N ALA B 258 -3.14 -45.70 -10.09
CA ALA B 258 -2.60 -45.91 -8.75
C ALA B 258 -3.27 -47.19 -8.32
N SER B 259 -2.68 -47.92 -7.39
CA SER B 259 -3.32 -49.15 -6.93
C SER B 259 -3.56 -49.03 -5.43
N SER B 260 -4.67 -49.61 -4.97
CA SER B 260 -5.01 -49.56 -3.55
C SER B 260 -4.16 -50.56 -2.78
N MET B 261 -3.47 -50.09 -1.75
CA MET B 261 -2.64 -50.98 -0.96
C MET B 261 -3.40 -51.41 0.29
N PRO B 262 -2.82 -52.34 1.07
CA PRO B 262 -3.48 -52.81 2.29
C PRO B 262 -3.50 -51.71 3.35
N ASN B 263 -4.61 -51.61 4.07
CA ASN B 263 -4.75 -50.61 5.13
C ASN B 263 -4.63 -49.19 4.57
N ALA B 264 -5.02 -49.03 3.30
CA ALA B 264 -4.97 -47.72 2.66
C ALA B 264 -5.71 -46.70 3.53
N GLU B 265 -6.75 -47.16 4.22
CA GLU B 265 -7.55 -46.31 5.10
C GLU B 265 -6.72 -45.48 6.07
N SER B 266 -5.54 -45.97 6.43
CA SER B 266 -4.67 -45.25 7.36
C SER B 266 -3.62 -44.33 6.68
N TRP B 267 -3.56 -44.37 5.35
CA TRP B 267 -2.65 -43.51 4.59
C TRP B 267 -3.30 -42.14 4.55
N PRO B 268 -2.79 -41.19 5.32
CA PRO B 268 -3.41 -39.86 5.31
C PRO B 268 -3.27 -39.09 4.00
N VAL B 269 -4.12 -38.07 3.86
CA VAL B 269 -4.10 -37.20 2.68
C VAL B 269 -3.63 -35.82 3.14
N VAL B 270 -2.61 -35.28 2.47
CA VAL B 270 -2.09 -33.96 2.82
C VAL B 270 -2.38 -32.88 1.77
N GLY B 271 -2.85 -31.73 2.24
CA GLY B 271 -3.17 -30.60 1.37
C GLY B 271 -2.46 -29.37 1.92
N GLN B 272 -1.68 -28.72 1.06
CA GLN B 272 -0.90 -27.55 1.42
C GLN B 272 -1.17 -26.46 0.38
N PHE B 273 -1.64 -25.31 0.84
CA PHE B 273 -2.04 -24.22 -0.05
C PHE B 273 -1.74 -22.84 0.51
N SER B 274 -1.99 -21.80 -0.31
CA SER B 274 -1.75 -20.43 0.12
C SER B 274 -2.99 -19.55 0.18
N SER B 275 -4.16 -20.13 -0.07
CA SER B 275 -5.40 -19.39 0.02
C SER B 275 -6.55 -20.35 0.18
N VAL B 276 -7.64 -19.88 0.79
CA VAL B 276 -8.82 -20.70 1.04
C VAL B 276 -10.12 -20.05 0.60
N GLY B 277 -11.02 -20.83 0.01
CA GLY B 277 -12.30 -20.28 -0.40
C GLY B 277 -13.39 -20.70 0.59
N SER B 278 -14.64 -20.30 0.35
CA SER B 278 -15.75 -20.69 1.23
C SER B 278 -16.07 -22.14 0.93
N LEU B 279 -15.88 -23.01 1.92
CA LEU B 279 -16.12 -24.42 1.73
C LEU B 279 -17.48 -24.90 2.21
N GLY B 280 -18.23 -24.02 2.86
CA GLY B 280 -19.53 -24.40 3.35
C GLY B 280 -19.65 -24.30 4.86
N ALA B 281 -20.86 -24.55 5.37
CA ALA B 281 -21.17 -24.48 6.81
C ALA B 281 -20.48 -25.55 7.63
N ASP B 282 -20.17 -26.68 7.00
CA ASP B 282 -19.46 -27.76 7.69
C ASP B 282 -18.69 -28.62 6.70
N GLU B 283 -17.82 -29.46 7.23
CA GLU B 283 -16.97 -30.34 6.42
C GLU B 283 -17.72 -31.20 5.42
N SER B 284 -18.94 -31.58 5.77
CA SER B 284 -19.76 -32.44 4.93
C SER B 284 -20.28 -31.77 3.65
N LYS B 285 -20.23 -30.45 3.60
CA LYS B 285 -20.75 -29.76 2.44
C LYS B 285 -19.92 -29.89 1.15
N TRP B 286 -18.61 -30.10 1.30
CA TRP B 286 -17.75 -30.21 0.13
C TRP B 286 -16.39 -30.85 0.44
N LEU B 287 -15.72 -30.34 1.46
CA LEU B 287 -14.40 -30.82 1.85
C LEU B 287 -14.27 -32.32 2.14
N CYS B 288 -14.92 -32.78 3.20
CA CYS B 288 -14.85 -34.20 3.57
C CYS B 288 -15.90 -35.00 2.80
N SER B 289 -16.44 -34.37 1.76
CA SER B 289 -17.44 -35.02 0.95
C SER B 289 -16.84 -35.31 -0.42
N GLU B 290 -17.20 -34.52 -1.42
CA GLU B 290 -16.67 -34.76 -2.76
C GLU B 290 -15.17 -34.53 -2.92
N PHE B 291 -14.60 -33.54 -2.26
CA PHE B 291 -13.18 -33.27 -2.40
C PHE B 291 -12.31 -34.38 -1.85
N LYS B 292 -12.51 -34.72 -0.59
CA LYS B 292 -11.72 -35.76 0.05
C LYS B 292 -11.96 -37.11 -0.63
N GLU B 293 -13.17 -37.30 -1.12
CA GLU B 293 -13.51 -38.53 -1.82
C GLU B 293 -12.59 -38.76 -3.01
N SER B 294 -12.37 -37.70 -3.80
CA SER B 294 -11.50 -37.79 -4.96
C SER B 294 -10.05 -37.99 -4.50
N MET B 295 -9.63 -37.21 -3.52
CA MET B 295 -8.27 -37.29 -2.99
C MET B 295 -7.89 -38.65 -2.40
N LEU B 296 -8.87 -39.44 -1.98
CA LEU B 296 -8.52 -40.73 -1.39
C LEU B 296 -8.76 -41.92 -2.29
N THR B 297 -9.18 -41.63 -3.52
CA THR B 297 -9.39 -42.66 -4.51
C THR B 297 -8.02 -43.30 -4.82
N LEU B 298 -8.00 -44.62 -5.00
CA LEU B 298 -6.80 -45.39 -5.35
C LEU B 298 -7.25 -46.70 -5.99
N GLY B 299 -6.76 -47.01 -7.18
CA GLY B 299 -7.18 -48.25 -7.82
C GLY B 299 -8.62 -48.23 -8.32
N LYS B 300 -9.06 -49.33 -8.90
CA LYS B 300 -10.41 -49.40 -9.45
C LYS B 300 -11.39 -50.17 -8.60
N GLU B 301 -10.93 -50.72 -7.48
CA GLU B 301 -11.80 -51.52 -6.61
C GLU B 301 -12.54 -50.73 -5.51
N SER B 302 -13.02 -51.46 -4.49
CA SER B 302 -13.75 -50.92 -3.34
C SER B 302 -14.84 -49.90 -3.68
N SER B 309 -12.67 -42.27 6.86
CA SER B 309 -11.99 -42.27 8.20
C SER B 309 -10.51 -41.94 8.06
N VAL B 310 -10.12 -41.56 6.84
CA VAL B 310 -8.73 -41.20 6.56
C VAL B 310 -8.37 -39.82 7.09
N PRO B 311 -7.21 -39.73 7.77
CA PRO B 311 -6.76 -38.45 8.33
C PRO B 311 -6.48 -37.43 7.21
N LEU B 312 -6.96 -36.21 7.37
CA LEU B 312 -6.75 -35.15 6.40
C LEU B 312 -5.93 -34.03 7.05
N TYR B 313 -4.69 -33.85 6.62
CA TYR B 313 -3.85 -32.79 7.16
C TYR B 313 -3.82 -31.61 6.19
N LEU B 314 -4.12 -30.41 6.66
CA LEU B 314 -4.10 -29.21 5.81
C LEU B 314 -3.01 -28.27 6.31
N ILE B 315 -2.08 -27.92 5.44
CA ILE B 315 -0.98 -27.03 5.81
C ILE B 315 -1.26 -25.61 5.30
N TYR B 316 -1.39 -24.67 6.23
CA TYR B 316 -1.65 -23.29 5.86
C TYR B 316 -0.92 -22.44 6.91
N PRO B 317 -0.12 -21.47 6.47
CA PRO B 317 0.62 -20.60 7.39
C PRO B 317 -0.20 -19.99 8.49
N SER B 318 0.34 -20.03 9.71
CA SER B 318 -0.32 -19.43 10.87
C SER B 318 0.11 -17.96 10.91
N VAL B 319 -0.53 -17.16 11.76
CA VAL B 319 -0.16 -15.75 11.88
C VAL B 319 1.31 -15.69 12.30
N GLU B 320 1.69 -16.54 13.26
CA GLU B 320 3.08 -16.60 13.72
C GLU B 320 4.05 -16.96 12.59
N ASN B 321 3.67 -17.93 11.77
CA ASN B 321 4.50 -18.34 10.63
C ASN B 321 4.82 -17.09 9.78
N VAL B 322 3.79 -16.28 9.53
CA VAL B 322 3.96 -15.08 8.72
C VAL B 322 4.72 -13.99 9.47
N ARG B 323 4.32 -13.73 10.72
CA ARG B 323 4.99 -12.71 11.51
C ARG B 323 6.51 -12.85 11.53
N THR B 324 6.99 -14.06 11.73
CA THR B 324 8.44 -14.28 11.77
C THR B 324 9.10 -14.74 10.47
N SER B 325 8.39 -14.65 9.34
CA SER B 325 8.94 -15.08 8.06
C SER B 325 10.05 -14.15 7.58
N LEU B 326 10.67 -14.46 6.45
CA LEU B 326 11.73 -13.64 5.90
C LEU B 326 11.23 -12.25 5.50
N GLU B 327 9.99 -12.17 5.00
CA GLU B 327 9.39 -10.90 4.57
C GLU B 327 8.60 -10.21 5.68
N GLY B 328 8.25 -10.96 6.72
CA GLY B 328 7.45 -10.40 7.78
C GLY B 328 5.98 -10.45 7.37
N TYR B 329 5.15 -9.57 7.92
CA TYR B 329 3.74 -9.54 7.57
C TYR B 329 3.43 -9.36 6.08
N PRO B 330 4.24 -8.56 5.36
CA PRO B 330 3.96 -8.38 3.92
C PRO B 330 3.83 -9.69 3.16
N ALA B 331 4.38 -10.78 3.72
CA ALA B 331 4.29 -12.09 3.08
C ALA B 331 2.83 -12.46 3.00
N GLY B 332 2.06 -11.96 3.95
CA GLY B 332 0.64 -12.23 3.97
C GLY B 332 -0.10 -11.62 2.79
N GLY B 333 0.54 -10.69 2.09
CA GLY B 333 -0.12 -10.12 0.94
C GLY B 333 -0.39 -11.23 -0.06
N SER B 334 0.33 -12.33 0.07
CA SER B 334 0.17 -13.46 -0.85
C SER B 334 -0.52 -14.67 -0.25
N LEU B 335 -1.24 -14.47 0.85
CA LEU B 335 -1.99 -15.54 1.50
C LEU B 335 -3.34 -14.90 1.74
N PRO B 336 -4.11 -14.68 0.67
CA PRO B 336 -5.44 -14.05 0.66
C PRO B 336 -6.63 -14.74 1.30
N TYR B 337 -6.54 -15.08 2.57
CA TYR B 337 -7.66 -15.69 3.27
C TYR B 337 -8.32 -14.51 3.99
N SER B 338 -9.53 -14.15 3.58
CA SER B 338 -10.22 -13.00 4.17
C SER B 338 -11.04 -13.35 5.42
N ILE B 339 -11.22 -12.37 6.28
CA ILE B 339 -11.98 -12.57 7.50
C ILE B 339 -13.43 -12.92 7.21
N GLN B 340 -13.97 -12.35 6.15
CA GLN B 340 -15.36 -12.60 5.76
C GLN B 340 -15.56 -14.08 5.48
N THR B 341 -14.62 -14.66 4.74
CA THR B 341 -14.67 -16.07 4.40
C THR B 341 -14.40 -16.91 5.65
N ALA B 342 -13.31 -16.61 6.34
CA ALA B 342 -12.92 -17.37 7.52
C ALA B 342 -13.99 -17.47 8.61
N GLU B 343 -14.49 -16.33 9.06
CA GLU B 343 -15.48 -16.31 10.12
C GLU B 343 -16.70 -17.19 9.87
N LYS B 344 -16.94 -17.53 8.61
CA LYS B 344 -18.08 -18.39 8.27
C LYS B 344 -17.75 -19.88 8.29
N GLN B 345 -16.48 -20.22 8.55
CA GLN B 345 -16.09 -21.62 8.56
C GLN B 345 -14.98 -21.98 9.52
N ASN B 346 -15.10 -21.57 10.77
CA ASN B 346 -14.07 -21.87 11.74
C ASN B 346 -13.91 -23.36 12.03
N TRP B 347 -14.84 -24.17 11.54
CA TRP B 347 -14.76 -25.62 11.74
C TRP B 347 -13.54 -26.18 11.02
N LEU B 348 -13.21 -25.53 9.90
CA LEU B 348 -12.10 -25.92 9.03
C LEU B 348 -10.72 -25.81 9.67
N HIS B 349 -10.55 -24.79 10.49
CA HIS B 349 -9.27 -24.53 11.12
C HIS B 349 -8.78 -25.60 12.10
N SER B 350 -9.62 -26.59 12.36
CA SER B 350 -9.28 -27.70 13.26
C SER B 350 -8.42 -28.68 12.49
N TYR B 351 -8.30 -28.45 11.20
CA TYR B 351 -7.50 -29.31 10.32
C TYR B 351 -6.16 -28.66 9.97
N PHE B 352 -6.01 -27.39 10.35
CA PHE B 352 -4.81 -26.64 10.02
C PHE B 352 -3.53 -26.99 10.75
N HIS B 353 -2.46 -27.05 9.97
CA HIS B 353 -1.13 -27.38 10.44
C HIS B 353 -0.17 -26.26 10.04
N LYS B 354 0.86 -26.07 10.85
CA LYS B 354 1.84 -25.03 10.62
C LYS B 354 2.69 -25.30 9.40
N TRP B 355 3.23 -24.23 8.83
CA TRP B 355 4.12 -24.41 7.71
C TRP B 355 5.46 -24.65 8.39
N SER B 356 6.13 -25.70 7.98
CA SER B 356 7.44 -26.05 8.51
C SER B 356 8.24 -26.75 7.39
N ALA B 357 9.43 -26.25 7.12
CA ALA B 357 10.23 -26.82 6.05
C ALA B 357 11.72 -26.79 6.35
N GLU B 358 12.11 -27.37 7.48
CA GLU B 358 13.52 -27.41 7.83
C GLU B 358 14.24 -28.28 6.80
N THR B 359 13.52 -29.25 6.22
CA THR B 359 14.11 -30.13 5.23
C THR B 359 14.71 -29.34 4.07
N SER B 360 14.07 -28.24 3.67
CA SER B 360 14.59 -27.45 2.56
C SER B 360 15.05 -26.08 3.04
N GLY B 361 15.08 -25.90 4.36
CA GLY B 361 15.52 -24.64 4.96
C GLY B 361 14.63 -23.47 4.63
N ARG B 362 13.35 -23.75 4.43
CA ARG B 362 12.41 -22.71 4.04
C ARG B 362 11.27 -22.46 5.02
N SER B 363 11.49 -22.79 6.29
CA SER B 363 10.46 -22.56 7.30
C SER B 363 10.09 -21.08 7.38
N ASN B 364 11.00 -20.20 6.95
CA ASN B 364 10.73 -18.77 7.00
C ASN B 364 10.35 -18.16 5.65
N ALA B 365 10.38 -18.98 4.59
CA ALA B 365 10.00 -18.51 3.26
C ALA B 365 8.57 -18.98 3.06
N MET B 366 7.61 -18.10 3.31
CA MET B 366 6.20 -18.45 3.19
C MET B 366 5.88 -19.12 1.86
N PRO B 367 5.01 -20.13 1.92
CA PRO B 367 4.61 -20.87 0.72
C PRO B 367 3.62 -20.21 -0.22
N HIS B 368 3.92 -20.28 -1.51
CA HIS B 368 2.99 -19.81 -2.53
C HIS B 368 2.81 -21.03 -3.44
N ILE B 369 3.57 -22.08 -3.14
CA ILE B 369 3.47 -23.34 -3.86
C ILE B 369 2.20 -24.02 -3.30
N LYS B 370 1.50 -24.80 -4.12
CA LYS B 370 0.33 -25.55 -3.64
C LYS B 370 0.68 -27.02 -3.93
N THR B 371 0.54 -27.88 -2.94
CA THR B 371 0.84 -29.29 -3.15
C THR B 371 -0.18 -30.19 -2.45
N TYR B 372 -0.33 -31.39 -2.98
CA TYR B 372 -1.25 -32.39 -2.44
C TYR B 372 -0.56 -33.75 -2.56
N MET B 373 -0.65 -34.58 -1.53
CA MET B 373 -0.03 -35.90 -1.57
C MET B 373 -0.67 -36.95 -0.65
N ARG B 374 -0.29 -38.21 -0.86
CA ARG B 374 -0.82 -39.33 -0.09
C ARG B 374 0.32 -40.09 0.61
N PRO B 375 0.76 -39.62 1.77
CA PRO B 375 1.85 -40.29 2.49
C PRO B 375 1.39 -41.56 3.21
N SER B 376 2.34 -42.42 3.54
CA SER B 376 2.05 -43.66 4.26
C SER B 376 1.79 -43.26 5.72
N PRO B 377 1.28 -44.20 6.54
CA PRO B 377 0.99 -43.90 7.94
C PRO B 377 2.15 -43.34 8.76
N ASP B 378 3.37 -43.77 8.46
CA ASP B 378 4.49 -43.22 9.21
C ASP B 378 5.19 -42.10 8.40
N PHE B 379 4.60 -41.72 7.27
CA PHE B 379 5.14 -40.65 6.43
C PHE B 379 6.49 -40.90 5.77
N SER B 380 6.95 -42.15 5.75
CA SER B 380 8.25 -42.41 5.12
C SER B 380 8.09 -42.58 3.62
N LYS B 381 6.86 -42.69 3.14
CA LYS B 381 6.69 -42.80 1.71
C LYS B 381 5.37 -42.23 1.23
N ILE B 382 5.23 -42.07 -0.09
CA ILE B 382 3.99 -41.56 -0.66
C ILE B 382 3.49 -42.32 -1.89
N ALA B 383 2.17 -42.38 -2.03
CA ALA B 383 1.52 -43.07 -3.13
C ALA B 383 1.44 -42.18 -4.36
N TRP B 384 1.50 -40.86 -4.15
CA TRP B 384 1.48 -39.89 -5.24
C TRP B 384 1.73 -38.48 -4.73
N PHE B 385 2.16 -37.59 -5.62
CA PHE B 385 2.45 -36.21 -5.27
C PHE B 385 1.98 -35.29 -6.39
N LEU B 386 1.34 -34.21 -5.99
CA LEU B 386 0.83 -33.24 -6.94
C LEU B 386 1.30 -31.82 -6.61
N VAL B 387 1.89 -31.14 -7.60
CA VAL B 387 2.29 -29.74 -7.41
C VAL B 387 1.35 -29.02 -8.39
N THR B 388 0.69 -27.95 -7.93
CA THR B 388 -0.28 -27.27 -8.80
C THR B 388 -0.50 -25.82 -8.38
N SER B 389 -1.29 -25.09 -9.15
CA SER B 389 -1.59 -23.72 -8.77
C SER B 389 -2.91 -23.68 -8.00
N ALA B 390 -3.64 -24.79 -8.00
CA ALA B 390 -4.95 -24.87 -7.33
C ALA B 390 -4.98 -24.85 -5.80
N ASN B 391 -5.64 -23.84 -5.22
CA ASN B 391 -5.77 -23.71 -3.77
C ASN B 391 -6.94 -24.53 -3.26
N LEU B 392 -7.28 -24.35 -1.99
CA LEU B 392 -8.39 -25.08 -1.40
C LEU B 392 -9.69 -24.31 -1.58
N SER B 393 -10.30 -24.47 -2.75
CA SER B 393 -11.56 -23.80 -3.06
C SER B 393 -12.29 -24.55 -4.16
N LYS B 394 -13.61 -24.39 -4.18
CA LYS B 394 -14.46 -25.04 -5.17
C LYS B 394 -14.24 -24.42 -6.54
N ALA B 395 -13.76 -23.18 -6.55
CA ALA B 395 -13.53 -22.46 -7.79
C ALA B 395 -12.40 -23.05 -8.57
N ALA B 396 -11.40 -23.55 -7.84
CA ALA B 396 -10.23 -24.14 -8.46
C ALA B 396 -10.43 -25.62 -8.76
N TRP B 397 -11.01 -26.36 -7.82
CA TRP B 397 -11.21 -27.79 -7.99
C TRP B 397 -12.56 -28.23 -8.55
N GLY B 398 -13.56 -27.36 -8.46
CA GLY B 398 -14.88 -27.71 -8.95
C GLY B 398 -15.85 -28.15 -7.85
N ALA B 399 -17.13 -27.87 -8.10
CA ALA B 399 -18.20 -28.25 -7.19
C ALA B 399 -19.34 -28.88 -7.99
N LEU B 400 -19.90 -29.96 -7.47
CA LEU B 400 -21.00 -30.66 -8.13
C LEU B 400 -22.31 -29.88 -8.01
N GLU B 401 -23.05 -29.81 -9.12
CA GLU B 401 -24.33 -29.13 -9.18
C GLU B 401 -25.38 -30.05 -9.80
N LYS B 402 -26.57 -29.50 -10.03
CA LYS B 402 -27.69 -30.25 -10.61
C LYS B 402 -27.74 -31.69 -10.13
N ASN B 403 -27.80 -31.85 -8.81
CA ASN B 403 -27.89 -33.16 -8.20
C ASN B 403 -26.72 -34.06 -8.59
N GLY B 404 -25.51 -33.58 -8.33
CA GLY B 404 -24.30 -34.34 -8.64
C GLY B 404 -24.10 -34.74 -10.09
N THR B 405 -24.87 -34.17 -11.00
CA THR B 405 -24.75 -34.52 -12.40
C THR B 405 -23.80 -33.59 -13.14
N GLN B 406 -23.54 -32.44 -12.55
CA GLN B 406 -22.69 -31.44 -13.16
C GLN B 406 -21.53 -31.00 -12.25
N LEU B 407 -20.36 -30.77 -12.86
CA LEU B 407 -19.21 -30.32 -12.10
C LEU B 407 -18.95 -28.92 -12.60
N MET B 408 -19.13 -27.93 -11.72
CA MET B 408 -18.93 -26.54 -12.08
C MET B 408 -17.55 -26.05 -11.60
N ILE B 409 -16.77 -25.50 -12.52
CA ILE B 409 -15.43 -24.98 -12.23
C ILE B 409 -15.35 -23.53 -12.69
N ARG B 410 -14.93 -22.64 -11.78
CA ARG B 410 -14.84 -21.23 -12.09
C ARG B 410 -13.54 -20.71 -12.72
N SER B 411 -12.42 -21.40 -12.57
CA SER B 411 -11.21 -20.84 -13.17
C SER B 411 -10.18 -21.77 -13.79
N TYR B 412 -9.05 -21.20 -14.19
CA TYR B 412 -7.97 -21.96 -14.79
C TYR B 412 -6.94 -22.32 -13.74
N GLU B 413 -6.55 -23.58 -13.72
CA GLU B 413 -5.56 -24.09 -12.79
C GLU B 413 -4.79 -25.15 -13.55
N LEU B 414 -3.55 -25.39 -13.13
CA LEU B 414 -2.74 -26.38 -13.81
C LEU B 414 -1.72 -26.91 -12.81
N GLY B 415 -1.42 -28.19 -12.92
CA GLY B 415 -0.46 -28.84 -12.05
C GLY B 415 -0.05 -30.17 -12.66
N VAL B 416 0.95 -30.82 -12.08
CA VAL B 416 1.39 -32.10 -12.61
C VAL B 416 1.37 -33.13 -11.51
N LEU B 417 0.97 -34.34 -11.86
CA LEU B 417 0.89 -35.42 -10.90
C LEU B 417 2.03 -36.44 -11.07
N PHE B 418 2.66 -36.77 -9.97
CA PHE B 418 3.73 -37.75 -9.99
C PHE B 418 3.15 -39.06 -9.44
N LEU B 419 3.07 -40.07 -10.29
CA LEU B 419 2.56 -41.38 -9.86
C LEU B 419 3.71 -42.37 -9.93
N PRO B 420 3.90 -43.17 -8.87
CA PRO B 420 4.99 -44.16 -8.86
C PRO B 420 5.02 -45.08 -10.11
N SER B 421 3.85 -45.53 -10.56
CA SER B 421 3.79 -46.40 -11.73
C SER B 421 4.39 -45.76 -13.00
N ALA B 422 4.35 -44.42 -13.09
CA ALA B 422 4.90 -43.73 -14.25
C ALA B 422 6.41 -43.77 -14.19
N PHE B 423 6.93 -44.14 -13.03
CA PHE B 423 8.38 -44.23 -12.83
C PHE B 423 8.81 -45.68 -12.58
N GLY B 424 7.86 -46.61 -12.75
CA GLY B 424 8.17 -48.00 -12.52
C GLY B 424 8.54 -48.28 -11.09
N LEU B 425 7.68 -47.84 -10.16
CA LEU B 425 7.89 -48.01 -8.72
C LEU B 425 6.53 -48.28 -8.06
N ASP B 426 6.58 -48.85 -6.86
CA ASP B 426 5.36 -49.12 -6.10
C ASP B 426 4.95 -47.87 -5.34
N SER B 427 5.96 -47.17 -4.83
CA SER B 427 5.72 -45.94 -4.11
C SER B 427 6.98 -45.11 -4.20
N PHE B 428 6.94 -43.89 -3.67
CA PHE B 428 8.10 -43.01 -3.65
C PHE B 428 8.57 -42.97 -2.20
N LYS B 429 9.88 -43.03 -1.98
CA LYS B 429 10.42 -42.93 -0.63
C LYS B 429 10.57 -41.43 -0.45
N VAL B 430 10.29 -40.93 0.75
CA VAL B 430 10.41 -39.50 0.96
C VAL B 430 11.85 -39.13 1.25
N LYS B 431 12.31 -38.06 0.61
CA LYS B 431 13.66 -37.58 0.81
C LYS B 431 13.53 -36.56 1.94
N GLN B 432 13.78 -37.01 3.17
CA GLN B 432 13.65 -36.13 4.34
C GLN B 432 14.79 -35.14 4.48
N LYS B 433 15.44 -34.87 3.36
CA LYS B 433 16.54 -33.92 3.24
C LYS B 433 16.52 -33.48 1.77
N PHE B 434 15.57 -32.60 1.46
CA PHE B 434 15.35 -32.06 0.12
C PHE B 434 16.62 -31.79 -0.70
N GLU B 440 19.95 -43.04 -2.93
CA GLU B 440 18.85 -43.62 -3.75
C GLU B 440 18.05 -42.52 -4.47
N PRO B 441 18.62 -41.97 -5.56
CA PRO B 441 18.01 -40.90 -6.36
C PRO B 441 16.69 -41.21 -7.07
N MET B 442 16.74 -42.12 -8.04
CA MET B 442 15.57 -42.51 -8.82
C MET B 442 14.41 -43.11 -8.04
N ALA B 443 14.35 -42.87 -6.74
CA ALA B 443 13.26 -43.43 -5.95
C ALA B 443 12.77 -42.55 -4.80
N THR B 444 13.56 -41.53 -4.45
CA THR B 444 13.15 -40.65 -3.34
C THR B 444 12.66 -39.28 -3.82
N PHE B 445 11.39 -39.01 -3.54
CA PHE B 445 10.78 -37.77 -3.94
C PHE B 445 11.10 -36.62 -2.98
N PRO B 446 11.45 -35.45 -3.54
CA PRO B 446 11.78 -34.29 -2.72
C PRO B 446 10.59 -33.49 -2.16
N VAL B 447 9.95 -34.00 -1.11
CA VAL B 447 8.84 -33.28 -0.50
C VAL B 447 9.52 -32.05 0.13
N PRO B 448 9.12 -30.84 -0.31
CA PRO B 448 9.63 -29.55 0.14
C PRO B 448 9.40 -29.14 1.59
N TYR B 449 8.40 -29.72 2.24
CA TYR B 449 8.12 -29.40 3.63
C TYR B 449 8.29 -30.61 4.54
N ASP B 450 8.22 -30.35 5.84
CA ASP B 450 8.41 -31.37 6.84
C ASP B 450 7.21 -32.27 7.11
N LEU B 451 7.50 -33.52 7.42
CA LEU B 451 6.49 -34.50 7.75
C LEU B 451 6.91 -35.15 9.07
N PRO B 452 5.93 -35.43 9.94
CA PRO B 452 4.52 -35.13 9.68
C PRO B 452 4.27 -33.65 9.95
N PRO B 453 3.10 -33.14 9.55
CA PRO B 453 2.76 -31.72 9.77
C PRO B 453 2.46 -31.49 11.24
N GLU B 454 2.83 -30.32 11.76
CA GLU B 454 2.56 -30.02 13.17
C GLU B 454 1.24 -29.27 13.23
N LEU B 455 0.38 -29.69 14.14
CA LEU B 455 -0.92 -29.07 14.30
C LEU B 455 -0.76 -27.69 14.92
N TYR B 456 -1.62 -26.76 14.52
CA TYR B 456 -1.66 -25.40 15.05
C TYR B 456 -1.77 -25.53 16.57
N GLY B 457 -1.04 -24.70 17.30
CA GLY B 457 -1.15 -24.73 18.75
C GLY B 457 -2.49 -24.12 19.14
N SER B 458 -2.84 -24.18 20.42
CA SER B 458 -4.11 -23.63 20.87
C SER B 458 -4.17 -22.10 20.74
N LYS B 459 -3.02 -21.43 20.84
CA LYS B 459 -2.99 -19.99 20.70
C LYS B 459 -2.81 -19.59 19.22
N ASP B 460 -2.40 -20.53 18.38
CA ASP B 460 -2.20 -20.23 16.97
C ASP B 460 -3.48 -19.90 16.23
N ARG B 461 -3.35 -19.14 15.15
CA ARG B 461 -4.51 -18.75 14.36
C ARG B 461 -4.09 -18.70 12.88
N PRO B 462 -5.03 -19.00 11.98
CA PRO B 462 -4.65 -18.96 10.56
C PRO B 462 -4.38 -17.53 10.12
N TRP B 463 -3.52 -17.37 9.12
CA TRP B 463 -3.27 -16.02 8.64
C TRP B 463 -4.48 -15.52 7.86
N ILE B 464 -5.00 -14.37 8.27
CA ILE B 464 -6.14 -13.73 7.62
C ILE B 464 -5.57 -12.37 7.22
N TRP B 465 -5.45 -12.15 5.92
CA TRP B 465 -4.81 -10.94 5.41
C TRP B 465 -5.50 -9.61 5.55
N ASN B 466 -6.80 -9.60 5.77
CA ASN B 466 -7.50 -8.33 5.84
C ASN B 466 -7.91 -7.80 7.21
N ILE B 467 -7.17 -8.21 8.24
CA ILE B 467 -7.40 -7.68 9.58
C ILE B 467 -6.03 -7.26 10.06
N PRO B 468 -5.96 -6.32 11.01
CA PRO B 468 -4.65 -5.88 11.50
C PRO B 468 -3.96 -6.78 12.51
N TYR B 469 -2.65 -6.69 12.58
CA TYR B 469 -1.85 -7.44 13.53
C TYR B 469 -0.97 -6.32 14.06
N VAL B 470 -1.31 -5.81 15.23
CA VAL B 470 -0.60 -4.69 15.81
C VAL B 470 -0.02 -4.87 17.20
N LYS B 471 -0.20 -6.04 17.80
CA LYS B 471 0.33 -6.26 19.15
C LYS B 471 1.79 -6.71 19.12
N ALA B 472 2.17 -7.40 18.06
CA ALA B 472 3.52 -7.91 17.92
C ALA B 472 4.14 -7.51 16.59
N PRO B 473 5.30 -6.86 16.63
CA PRO B 473 5.96 -6.44 15.39
C PRO B 473 6.56 -7.64 14.66
N ASP B 474 6.67 -7.56 13.34
CA ASP B 474 7.22 -8.69 12.59
C ASP B 474 8.75 -8.66 12.58
N THR B 475 9.35 -9.51 11.75
CA THR B 475 10.79 -9.59 11.70
C THR B 475 11.49 -8.31 11.29
N HIS B 476 10.75 -7.37 10.71
CA HIS B 476 11.35 -6.11 10.29
C HIS B 476 10.90 -4.93 11.18
N GLY B 477 10.33 -5.27 12.34
CA GLY B 477 9.88 -4.25 13.27
C GLY B 477 8.59 -3.54 12.88
N ASN B 478 7.86 -4.11 11.93
CA ASN B 478 6.62 -3.52 11.47
C ASN B 478 5.36 -4.23 11.91
N MET B 479 4.25 -3.53 11.75
CA MET B 479 2.95 -4.05 12.08
C MET B 479 2.15 -4.16 10.80
N TRP B 480 1.02 -4.85 10.87
CA TRP B 480 0.20 -5.04 9.70
C TRP B 480 -1.13 -4.35 9.88
N VAL B 481 -1.38 -3.37 9.02
CA VAL B 481 -2.63 -2.62 9.06
C VAL B 481 -3.17 -2.45 7.64
N PRO B 482 -4.00 -3.41 7.20
CA PRO B 482 -4.64 -3.45 5.87
C PRO B 482 -5.38 -2.19 5.44
N SER B 483 -5.42 -1.99 4.13
CA SER B 483 -6.08 -0.84 3.48
C SER B 483 -5.46 0.50 3.88
#